data_9CA1
#
_entry.id   9CA1
#
_cell.length_a   1.00
_cell.length_b   1.00
_cell.length_c   1.00
_cell.angle_alpha   90.00
_cell.angle_beta   90.00
_cell.angle_gamma   90.00
#
_symmetry.space_group_name_H-M   'P 1'
#
loop_
_entity.id
_entity.type
_entity.pdbx_description
1 polymer 'DNA topoisomerase 3-beta-1'
2 polymer 'Tudor domain-containing protein 3'
3 polymer "DNA (5'-D(P*TP*AP*CP*TP*AP*AP*A)-3')"
4 polymer "DNA (5'-D(*AP*TP*T)-3')"
5 non-polymer 'MANGANESE (II) ION'
#
loop_
_entity_poly.entity_id
_entity_poly.type
_entity_poly.pdbx_seq_one_letter_code
_entity_poly.pdbx_strand_id
1 'polypeptide(L)'
;VMKTVLMVAEMPSLAQSIAKILSRGSLSSHKGLNGACSVHEYTGTFAGQPVRFKMTSVCGHVMTLDFLGKYNKWDKVDPA
ELFSQAPTEKKEANPKLNMVKFLQVEGRGCDYIVLWLDCDKEGENICFEVLDAVLPVMNKAHGGEKTVFRARFSSITDTD
ICNAMACLGEPDHNEALSVDARQELDLRIGCAFTRFQTKYFQGKYGDLDSSLISFGPCQTPTLGFCVERHDKIQSFKPET
YWVLQAKVNTDKDRSLLLDWDRVRVFDREIAQMFLNMTKLEKEAQVEATSRKEKAKQRPLALNTVEMLRVASSSLGMGPQ
HAMQTAERLYTQGYIS(PTR)PRTETTHYPENFDLKGSLRQQANHPYWADTVKRLLAEGINRPRKGHDAGDHPPITPMKS
ATEAELGGDAWRLYEYITRHFIATVSHDCKYLQSTISFRIGPELFTCSGKTVLSPGFTEVMPWQSVPLEESLPTCQRGDA
FPVGEVKMLEKQTNPPDYLTEAELITLMEKHGIGTDASIPVHINNICQRNYVTVESGRRLKPTNLGIVLVHGYYKIDAEL
VLPTIRSAVEKQLNLIAQGKADYRQVLGHTLDVFKRKFHYFVDSIAGMDELMEVSF
;
A
2 'polypeptide(L)'
;MAQVAGAALSQAGWYLSDEGIEACTSSPDKVNVNDIILIALNTDLRTIGKKFLPSDINSGKVEKLEGPCVLQIQKIRNVA
APKDNEESQAAPRMLRLQMTDGHISCTAVEFSYMSKISLNTPPGTKVKLSGIVDIKNGFLLLNDSNTTVLGGEVEHLIEK
W
;
B
3 'polydeoxyribonucleotide' (DT)(DA)(DC)(DT)(DA)(DA)(DA) D
4 'polydeoxyribonucleotide' (DA)(DT)(DT) E
#
loop_
_chem_comp.id
_chem_comp.type
_chem_comp.name
_chem_comp.formula
DA DNA linking 2'-DEOXYADENOSINE-5'-MONOPHOSPHATE 'C10 H14 N5 O6 P'
DC DNA linking 2'-DEOXYCYTIDINE-5'-MONOPHOSPHATE 'C9 H14 N3 O7 P'
DT DNA linking THYMIDINE-5'-MONOPHOSPHATE 'C10 H15 N2 O8 P'
MN non-polymer 'MANGANESE (II) ION' 'Mn 2'
#
# COMPACT_ATOMS: atom_id res chain seq x y z
N VAL A 1 -51.78 28.68 14.03
CA VAL A 1 -51.61 27.50 14.86
C VAL A 1 -51.15 26.33 14.00
N MET A 2 -49.85 26.20 13.82
CA MET A 2 -49.28 25.09 13.06
C MET A 2 -47.87 24.82 13.58
N LYS A 3 -47.51 23.54 13.61
CA LYS A 3 -46.28 23.11 14.26
C LYS A 3 -45.05 23.46 13.42
N THR A 4 -43.90 23.45 14.09
CA THR A 4 -42.63 23.78 13.48
C THR A 4 -41.66 22.60 13.63
N VAL A 5 -40.81 22.43 12.63
CA VAL A 5 -39.78 21.40 12.63
C VAL A 5 -38.42 22.05 12.52
N LEU A 6 -37.41 21.38 13.07
CA LEU A 6 -36.05 21.90 13.15
C LEU A 6 -35.11 20.86 12.56
N MET A 7 -34.27 21.28 11.61
CA MET A 7 -33.36 20.40 10.90
C MET A 7 -31.93 20.89 11.06
N VAL A 8 -31.07 20.02 11.58
CA VAL A 8 -29.67 20.37 11.86
C VAL A 8 -28.79 19.68 10.83
N ALA A 9 -27.94 20.46 10.17
CA ALA A 9 -26.93 19.93 9.26
C ALA A 9 -25.54 20.09 9.87
N GLU A 10 -24.58 19.38 9.29
CA GLU A 10 -23.22 19.36 9.80
C GLU A 10 -22.36 20.50 9.27
N MET A 11 -22.85 21.25 8.28
CA MET A 11 -22.08 22.35 7.73
C MET A 11 -23.02 23.33 7.04
N PRO A 12 -22.76 24.63 7.18
CA PRO A 12 -23.71 25.63 6.64
C PRO A 12 -23.96 25.49 5.15
N SER A 13 -22.95 25.12 4.36
CA SER A 13 -23.16 24.94 2.93
C SER A 13 -24.18 23.83 2.66
N LEU A 14 -24.03 22.70 3.37
CA LEU A 14 -24.98 21.61 3.21
C LEU A 14 -26.37 22.04 3.65
N ALA A 15 -26.46 22.78 4.77
CA ALA A 15 -27.75 23.24 5.26
C ALA A 15 -28.44 24.11 4.21
N GLN A 16 -27.72 25.08 3.66
CA GLN A 16 -28.31 25.97 2.67
C GLN A 16 -28.71 25.22 1.41
N SER A 17 -27.86 24.29 0.96
CA SER A 17 -28.18 23.54 -0.25
C SER A 17 -29.44 22.71 -0.07
N ILE A 18 -29.53 21.97 1.03
CA ILE A 18 -30.70 21.13 1.26
C ILE A 18 -31.95 21.99 1.43
N ALA A 19 -31.82 23.13 2.11
CA ALA A 19 -32.97 24.01 2.28
C ALA A 19 -33.46 24.54 0.93
N LYS A 20 -32.52 24.92 0.06
CA LYS A 20 -32.93 25.45 -1.24
C LYS A 20 -33.54 24.36 -2.12
N ILE A 21 -33.05 23.13 -2.01
CA ILE A 21 -33.62 22.04 -2.79
C ILE A 21 -35.03 21.71 -2.30
N LEU A 22 -35.21 21.59 -0.99
CA LEU A 22 -36.53 21.21 -0.46
C LEU A 22 -37.53 22.35 -0.53
N SER A 23 -37.06 23.59 -0.58
CA SER A 23 -37.93 24.77 -0.67
C SER A 23 -37.83 25.32 -2.09
N ARG A 24 -38.92 25.22 -2.84
CA ARG A 24 -38.88 25.54 -4.26
C ARG A 24 -38.78 27.04 -4.49
N GLY A 25 -37.64 27.63 -4.14
CA GLY A 25 -37.37 29.02 -4.38
C GLY A 25 -37.79 29.97 -3.28
N SER A 26 -38.66 29.53 -2.36
CA SER A 26 -39.12 30.35 -1.25
C SER A 26 -38.29 29.98 -0.02
N LEU A 27 -37.45 30.91 0.43
CA LEU A 27 -36.52 30.63 1.51
C LEU A 27 -36.15 31.96 2.16
N SER A 28 -36.51 32.13 3.43
CA SER A 28 -36.18 33.35 4.16
C SER A 28 -35.03 33.06 5.11
N SER A 29 -33.90 33.76 4.92
CA SER A 29 -32.69 33.47 5.65
C SER A 29 -32.32 34.63 6.56
N HIS A 30 -31.80 34.30 7.74
CA HIS A 30 -31.29 35.35 8.63
C HIS A 30 -30.23 34.76 9.55
N LYS A 31 -29.33 35.63 10.01
CA LYS A 31 -28.22 35.21 10.85
C LYS A 31 -28.69 34.99 12.29
N GLY A 32 -27.83 34.32 13.05
CA GLY A 32 -28.18 33.97 14.43
C GLY A 32 -27.23 34.53 15.46
N LEU A 33 -27.28 33.98 16.68
CA LEU A 33 -26.45 34.49 17.76
C LEU A 33 -24.96 34.28 17.47
N ASN A 34 -24.61 33.12 16.92
CA ASN A 34 -23.21 32.79 16.69
C ASN A 34 -22.59 33.75 15.68
N GLY A 35 -23.29 34.03 14.59
CA GLY A 35 -22.71 34.73 13.47
C GLY A 35 -21.98 33.85 12.49
N ALA A 36 -21.85 32.55 12.78
CA ALA A 36 -21.22 31.59 11.89
C ALA A 36 -22.21 30.60 11.30
N CYS A 37 -23.45 30.58 11.77
CA CYS A 37 -24.48 29.70 11.24
C CYS A 37 -25.73 30.52 10.96
N SER A 38 -26.48 30.11 9.94
CA SER A 38 -27.65 30.83 9.50
C SER A 38 -28.90 29.99 9.74
N VAL A 39 -30.05 30.67 9.81
CA VAL A 39 -31.34 30.03 10.01
C VAL A 39 -32.19 30.31 8.79
N HIS A 40 -32.72 29.25 8.19
CA HIS A 40 -33.55 29.34 6.98
C HIS A 40 -34.97 28.88 7.30
N GLU A 41 -35.94 29.59 6.73
CA GLU A 41 -37.35 29.35 7.01
C GLU A 41 -38.12 29.15 5.72
N TYR A 42 -39.14 28.29 5.81
CA TYR A 42 -39.92 27.82 4.69
C TYR A 42 -41.22 27.23 5.24
N THR A 43 -42.20 27.03 4.36
CA THR A 43 -43.48 26.42 4.73
C THR A 43 -43.73 25.21 3.85
N GLY A 44 -44.12 24.09 4.47
CA GLY A 44 -44.34 22.86 3.73
C GLY A 44 -45.34 21.91 4.37
N THR A 45 -45.30 20.64 3.95
CA THR A 45 -46.21 19.62 4.46
C THR A 45 -45.41 18.47 5.04
N PHE A 46 -45.66 18.15 6.31
CA PHE A 46 -44.98 17.06 7.00
C PHE A 46 -46.02 16.29 7.81
N ALA A 47 -45.99 14.96 7.68
CA ALA A 47 -46.90 14.07 8.40
C ALA A 47 -48.36 14.43 8.14
N GLY A 48 -48.66 14.84 6.91
CA GLY A 48 -50.03 15.09 6.51
C GLY A 48 -50.63 16.39 6.99
N GLN A 49 -49.85 17.29 7.57
CA GLN A 49 -50.37 18.56 8.07
C GLN A 49 -49.42 19.68 7.69
N PRO A 50 -49.93 20.90 7.51
CA PRO A 50 -49.06 22.05 7.22
C PRO A 50 -48.09 22.30 8.36
N VAL A 51 -46.85 22.62 8.01
CA VAL A 51 -45.76 22.73 8.97
C VAL A 51 -44.85 23.88 8.56
N ARG A 52 -44.32 24.60 9.54
CA ARG A 52 -43.23 25.53 9.30
C ARG A 52 -41.89 24.82 9.50
N PHE A 53 -40.90 25.23 8.70
CA PHE A 53 -39.61 24.57 8.68
C PHE A 53 -38.55 25.55 9.17
N LYS A 54 -37.53 25.01 9.85
CA LYS A 54 -36.41 25.82 10.31
C LYS A 54 -35.14 24.99 10.16
N MET A 55 -34.26 25.43 9.26
CA MET A 55 -33.02 24.72 8.97
C MET A 55 -31.84 25.50 9.52
N THR A 56 -30.95 24.81 10.23
CA THR A 56 -29.76 25.39 10.83
C THR A 56 -28.62 24.39 10.73
N SER A 57 -27.44 24.80 11.19
CA SER A 57 -26.26 23.97 11.06
C SER A 57 -25.40 24.08 12.31
N VAL A 58 -24.58 23.06 12.52
CA VAL A 58 -23.59 23.02 13.59
C VAL A 58 -22.23 22.68 12.96
N CYS A 59 -21.19 23.41 13.35
CA CYS A 59 -19.87 23.25 12.74
C CYS A 59 -19.17 22.05 13.39
N GLY A 60 -19.33 20.88 12.77
CA GLY A 60 -18.63 19.70 13.22
C GLY A 60 -19.05 19.25 14.60
N HIS A 61 -18.10 18.70 15.33
CA HIS A 61 -18.36 18.26 16.70
C HIS A 61 -18.74 19.44 17.58
N VAL A 62 -19.64 19.17 18.53
CA VAL A 62 -20.10 20.20 19.45
C VAL A 62 -19.36 20.05 20.77
N MET A 63 -18.96 18.83 21.11
CA MET A 63 -18.31 18.55 22.38
C MET A 63 -17.16 17.59 22.20
N THR A 64 -16.16 17.70 23.09
CA THR A 64 -15.02 16.81 23.14
C THR A 64 -14.77 16.40 24.58
N LEU A 65 -14.17 15.22 24.75
CA LEU A 65 -14.07 14.59 26.07
C LEU A 65 -12.75 14.97 26.73
N ASP A 66 -12.84 15.54 27.94
CA ASP A 66 -11.67 15.99 28.68
C ASP A 66 -11.82 15.61 30.15
N PHE A 67 -10.69 15.55 30.83
CA PHE A 67 -10.68 15.26 32.25
C PHE A 67 -11.23 16.43 33.05
N LEU A 68 -11.43 16.20 34.34
CA LEU A 68 -11.83 17.28 35.24
C LEU A 68 -10.62 18.16 35.54
N GLY A 69 -10.86 19.25 36.26
CA GLY A 69 -9.79 20.21 36.50
C GLY A 69 -8.65 19.66 37.32
N LYS A 70 -8.97 18.97 38.41
CA LYS A 70 -7.96 18.57 39.38
C LYS A 70 -6.91 17.66 38.76
N TYR A 71 -7.26 16.91 37.73
CA TYR A 71 -6.35 15.96 37.11
C TYR A 71 -5.69 16.52 35.85
N ASN A 72 -5.85 17.81 35.58
CA ASN A 72 -5.19 18.46 34.45
C ASN A 72 -4.02 19.33 34.91
N LYS A 73 -3.34 18.94 36.00
CA LYS A 73 -2.29 19.75 36.58
C LYS A 73 -0.88 19.24 36.29
N TRP A 74 -0.77 17.94 35.99
CA TRP A 74 0.49 17.31 35.56
C TRP A 74 1.49 17.19 36.69
N ASP A 75 1.17 17.75 37.83
CA ASP A 75 2.12 17.74 38.95
C ASP A 75 1.46 17.34 40.26
N LYS A 76 0.20 16.93 40.25
CA LYS A 76 -0.48 16.49 41.45
C LYS A 76 -1.14 15.13 41.31
N VAL A 77 -0.99 14.47 40.17
CA VAL A 77 -1.61 13.17 39.91
C VAL A 77 -0.56 12.21 39.39
N ASP A 78 -0.56 10.99 39.91
CA ASP A 78 0.32 9.96 39.41
C ASP A 78 -0.18 9.51 38.04
N PRO A 79 0.68 9.49 37.01
CA PRO A 79 0.20 9.11 35.68
C PRO A 79 -0.11 7.63 35.56
N ALA A 80 -0.83 7.12 36.57
CA ALA A 80 -1.46 5.81 36.53
C ALA A 80 -2.88 5.86 37.06
N GLU A 81 -3.27 6.94 37.75
CA GLU A 81 -4.64 7.12 38.18
C GLU A 81 -5.56 7.46 37.01
N LEU A 82 -5.00 7.87 35.88
CA LEU A 82 -5.79 8.27 34.72
C LEU A 82 -6.58 7.12 34.11
N PHE A 83 -6.27 5.88 34.47
CA PHE A 83 -6.89 4.73 33.83
C PHE A 83 -8.24 4.37 34.43
N SER A 84 -8.33 4.29 35.75
CA SER A 84 -9.54 3.78 36.39
C SER A 84 -10.06 4.61 37.55
N GLN A 85 -9.40 5.71 37.89
CA GLN A 85 -9.83 6.54 39.02
C GLN A 85 -9.81 8.01 38.59
N ALA A 86 -10.42 8.30 37.44
CA ALA A 86 -10.43 9.66 36.92
C ALA A 86 -11.72 9.93 36.15
N PRO A 87 -12.59 10.78 36.67
CA PRO A 87 -13.82 11.12 35.94
C PRO A 87 -13.52 11.91 34.68
N THR A 88 -14.37 11.72 33.67
CA THR A 88 -14.23 12.40 32.39
C THR A 88 -15.55 13.04 32.02
N GLU A 89 -15.50 14.26 31.49
CA GLU A 89 -16.70 14.99 31.13
C GLU A 89 -16.55 15.58 29.73
N LYS A 90 -17.68 15.84 29.09
CA LYS A 90 -17.68 16.45 27.77
C LYS A 90 -17.74 17.97 27.91
N LYS A 91 -16.89 18.65 27.17
CA LYS A 91 -16.77 20.10 27.21
C LYS A 91 -16.89 20.65 25.80
N GLU A 92 -17.43 21.86 25.70
CA GLU A 92 -17.67 22.47 24.40
C GLU A 92 -16.36 22.64 23.63
N ALA A 93 -16.43 22.37 22.33
CA ALA A 93 -15.33 22.63 21.42
C ALA A 93 -15.62 23.92 20.65
N ASN A 94 -14.57 24.73 20.47
CA ASN A 94 -14.70 26.07 19.90
C ASN A 94 -15.68 26.89 20.73
N PRO A 95 -15.33 27.24 21.97
CA PRO A 95 -16.29 27.91 22.84
C PRO A 95 -16.74 29.27 22.33
N LYS A 96 -15.98 29.87 21.41
CA LYS A 96 -16.41 31.15 20.83
C LYS A 96 -17.74 31.00 20.10
N LEU A 97 -18.04 29.80 19.60
CA LEU A 97 -19.32 29.52 18.96
C LEU A 97 -20.23 28.86 20.00
N ASN A 98 -21.22 29.60 20.47
CA ASN A 98 -22.13 29.10 21.50
C ASN A 98 -23.14 28.16 20.87
N MET A 99 -22.66 26.95 20.55
CA MET A 99 -23.51 25.98 19.85
C MET A 99 -24.67 25.50 20.72
N VAL A 100 -24.40 25.21 21.99
CA VAL A 100 -25.44 24.68 22.86
C VAL A 100 -26.54 25.71 23.07
N LYS A 101 -26.17 26.95 23.38
CA LYS A 101 -27.16 28.00 23.57
C LYS A 101 -27.87 28.33 22.28
N PHE A 102 -27.16 28.30 21.15
CA PHE A 102 -27.79 28.55 19.85
C PHE A 102 -28.87 27.51 19.57
N LEU A 103 -28.56 26.23 19.78
CA LEU A 103 -29.55 25.19 19.56
C LEU A 103 -30.70 25.32 20.54
N GLN A 104 -30.42 25.66 21.80
CA GLN A 104 -31.49 25.80 22.78
C GLN A 104 -32.44 26.93 22.40
N VAL A 105 -31.91 28.07 21.95
CA VAL A 105 -32.77 29.19 21.62
C VAL A 105 -33.53 28.92 20.32
N GLU A 106 -32.90 28.22 19.37
CA GLU A 106 -33.58 27.92 18.12
C GLU A 106 -34.62 26.82 18.25
N GLY A 107 -34.51 25.96 19.26
CA GLY A 107 -35.46 24.87 19.40
C GLY A 107 -36.46 25.06 20.52
N ARG A 108 -36.92 26.30 20.72
CA ARG A 108 -37.88 26.62 21.75
C ARG A 108 -39.25 26.74 21.09
N GLY A 109 -39.94 25.61 20.97
CA GLY A 109 -41.25 25.58 20.36
C GLY A 109 -41.38 24.54 19.26
N CYS A 110 -40.28 23.86 18.97
CA CYS A 110 -40.29 22.84 17.94
C CYS A 110 -40.98 21.57 18.44
N ASP A 111 -41.54 20.82 17.50
CA ASP A 111 -42.21 19.56 17.80
C ASP A 111 -41.53 18.35 17.16
N TYR A 112 -40.90 18.50 16.01
CA TYR A 112 -40.18 17.42 15.35
C TYR A 112 -38.76 17.87 15.06
N ILE A 113 -37.82 16.92 15.15
CA ILE A 113 -36.43 17.17 14.84
C ILE A 113 -35.98 16.15 13.79
N VAL A 114 -35.33 16.63 12.73
CA VAL A 114 -34.79 15.79 11.68
C VAL A 114 -33.31 16.09 11.57
N LEU A 115 -32.48 15.06 11.70
CA LEU A 115 -31.03 15.23 11.73
C LEU A 115 -30.48 14.93 10.34
N TRP A 116 -30.14 15.98 9.60
CA TRP A 116 -29.52 15.84 8.28
C TRP A 116 -28.00 15.84 8.38
N LEU A 117 -27.46 14.99 9.24
CA LEU A 117 -26.03 14.93 9.43
C LEU A 117 -25.41 13.88 8.51
N ASP A 118 -24.08 13.86 8.47
CA ASP A 118 -23.39 12.95 7.58
C ASP A 118 -23.65 11.50 7.97
N CYS A 119 -23.59 10.61 6.98
CA CYS A 119 -23.82 9.19 7.19
C CYS A 119 -22.55 8.46 7.65
N ASP A 120 -21.58 9.19 8.20
CA ASP A 120 -20.39 8.57 8.73
C ASP A 120 -20.71 7.85 10.04
N LYS A 121 -19.68 7.27 10.65
CA LYS A 121 -19.85 6.66 11.96
C LYS A 121 -19.98 7.70 13.06
N GLU A 122 -19.25 8.82 12.94
CA GLU A 122 -19.33 9.89 13.93
C GLU A 122 -20.51 10.82 13.68
N GLY A 123 -21.16 10.70 12.54
CA GLY A 123 -22.39 11.44 12.33
C GLY A 123 -23.45 11.10 13.37
N GLU A 124 -23.52 9.83 13.77
CA GLU A 124 -24.47 9.43 14.79
C GLU A 124 -24.10 10.02 16.15
N ASN A 125 -22.80 10.09 16.46
CA ASN A 125 -22.38 10.73 17.70
C ASN A 125 -22.76 12.20 17.72
N ILE A 126 -22.56 12.89 16.60
CA ILE A 126 -22.99 14.30 16.53
C ILE A 126 -24.50 14.39 16.63
N CYS A 127 -25.21 13.43 16.04
CA CYS A 127 -26.68 13.39 16.15
C CYS A 127 -27.10 13.34 17.61
N PHE A 128 -26.46 12.47 18.39
CA PHE A 128 -26.87 12.32 19.77
C PHE A 128 -26.41 13.48 20.64
N GLU A 129 -25.28 14.12 20.30
CA GLU A 129 -24.92 15.36 20.99
C GLU A 129 -25.97 16.45 20.76
N VAL A 130 -26.42 16.59 19.51
CA VAL A 130 -27.45 17.57 19.20
C VAL A 130 -28.75 17.23 19.92
N LEU A 131 -29.09 15.93 19.96
CA LEU A 131 -30.32 15.52 20.65
C LEU A 131 -30.23 15.80 22.13
N ASP A 132 -29.07 15.58 22.75
CA ASP A 132 -28.90 15.92 24.16
C ASP A 132 -29.06 17.42 24.37
N ALA A 133 -28.52 18.22 23.45
CA ALA A 133 -28.61 19.67 23.59
C ALA A 133 -30.06 20.16 23.46
N VAL A 134 -30.82 19.60 22.52
CA VAL A 134 -32.09 20.18 22.12
C VAL A 134 -33.28 19.55 22.82
N LEU A 135 -33.23 18.24 23.07
CA LEU A 135 -34.42 17.50 23.48
C LEU A 135 -35.13 18.03 24.71
N PRO A 136 -34.46 18.42 25.81
CA PRO A 136 -35.20 18.89 26.99
C PRO A 136 -36.01 20.18 26.77
N VAL A 137 -35.92 20.80 25.60
CA VAL A 137 -36.62 22.05 25.36
C VAL A 137 -37.83 21.89 24.43
N MET A 138 -37.86 20.83 23.61
CA MET A 138 -38.94 20.62 22.66
C MET A 138 -40.29 20.55 23.36
N ASN A 139 -41.34 20.89 22.61
CA ASN A 139 -42.67 21.07 23.17
C ASN A 139 -43.35 19.70 23.23
N LYS A 140 -42.95 18.92 24.24
CA LYS A 140 -43.60 17.67 24.61
C LYS A 140 -43.75 16.71 23.44
N ALA A 141 -44.68 15.76 23.56
CA ALA A 141 -44.97 14.82 22.49
C ALA A 141 -46.47 14.72 22.25
N HIS A 142 -47.26 14.98 23.29
CA HIS A 142 -48.72 14.95 23.21
C HIS A 142 -49.21 13.63 22.61
N GLY A 143 -48.76 12.53 23.21
CA GLY A 143 -49.13 11.19 22.79
C GLY A 143 -47.93 10.37 22.42
N GLY A 144 -48.19 9.29 21.68
CA GLY A 144 -47.16 8.36 21.25
C GLY A 144 -46.53 8.66 19.92
N GLU A 145 -46.85 9.79 19.30
CA GLU A 145 -46.28 10.13 18.00
C GLU A 145 -44.78 10.39 18.14
N LYS A 146 -44.02 9.89 17.17
CA LYS A 146 -42.57 9.98 17.21
C LYS A 146 -42.10 11.36 16.78
N THR A 147 -41.03 11.83 17.42
CA THR A 147 -40.52 13.17 17.20
C THR A 147 -39.09 13.22 16.71
N VAL A 148 -38.36 12.11 16.73
CA VAL A 148 -36.96 12.06 16.31
C VAL A 148 -36.88 11.36 14.97
N PHE A 149 -36.19 11.98 14.02
CA PHE A 149 -36.08 11.44 12.67
C PHE A 149 -34.64 11.59 12.19
N ARG A 150 -34.27 10.79 11.20
CA ARG A 150 -32.96 10.89 10.57
C ARG A 150 -33.08 10.48 9.11
N ALA A 151 -32.50 11.28 8.23
CA ALA A 151 -32.55 11.06 6.80
C ALA A 151 -31.19 10.62 6.29
N ARG A 152 -31.18 9.60 5.43
CA ARG A 152 -29.95 9.06 4.86
C ARG A 152 -29.78 9.62 3.46
N PHE A 153 -28.65 10.27 3.22
CA PHE A 153 -28.38 10.89 1.93
C PHE A 153 -26.88 10.87 1.67
N SER A 154 -26.52 10.85 0.38
CA SER A 154 -25.12 10.91 -0.03
C SER A 154 -24.84 11.89 -1.15
N SER A 155 -25.81 12.28 -1.96
CA SER A 155 -25.61 13.21 -3.06
C SER A 155 -26.55 14.39 -2.91
N ILE A 156 -26.08 15.56 -3.31
CA ILE A 156 -26.86 16.80 -3.24
C ILE A 156 -27.40 17.06 -4.64
N THR A 157 -28.60 16.55 -4.89
CA THR A 157 -29.32 16.78 -6.14
C THR A 157 -30.79 17.02 -5.77
N ASP A 158 -31.67 16.92 -6.75
CA ASP A 158 -33.09 17.08 -6.49
C ASP A 158 -33.72 15.75 -6.08
N THR A 159 -33.58 14.73 -6.93
CA THR A 159 -34.26 13.47 -6.72
C THR A 159 -33.77 12.76 -5.47
N ASP A 160 -32.44 12.76 -5.24
CA ASP A 160 -31.90 12.07 -4.07
C ASP A 160 -32.38 12.72 -2.77
N ILE A 161 -32.38 14.05 -2.72
CA ILE A 161 -32.85 14.74 -1.53
C ILE A 161 -34.34 14.51 -1.31
N CYS A 162 -35.13 14.51 -2.38
CA CYS A 162 -36.56 14.24 -2.24
C CYS A 162 -36.80 12.82 -1.73
N ASN A 163 -36.06 11.85 -2.26
CA ASN A 163 -36.21 10.48 -1.78
C ASN A 163 -35.81 10.35 -0.32
N ALA A 164 -34.73 11.05 0.08
CA ALA A 164 -34.33 11.04 1.48
C ALA A 164 -35.40 11.65 2.37
N MET A 165 -36.03 12.73 1.92
CA MET A 165 -37.13 13.33 2.66
C MET A 165 -38.38 12.44 2.67
N ALA A 166 -38.48 11.50 1.73
CA ALA A 166 -39.60 10.57 1.72
C ALA A 166 -39.29 9.23 2.40
N CYS A 167 -38.05 8.99 2.82
CA CYS A 167 -37.64 7.70 3.37
C CYS A 167 -36.92 7.88 4.71
N LEU A 168 -37.55 8.60 5.63
CA LEU A 168 -36.96 8.83 6.94
C LEU A 168 -36.85 7.54 7.74
N GLY A 169 -36.04 7.59 8.79
CA GLY A 169 -35.79 6.43 9.64
C GLY A 169 -35.52 6.86 11.08
N GLU A 170 -34.68 6.09 11.75
CA GLU A 170 -34.33 6.30 13.15
C GLU A 170 -32.82 6.36 13.31
N PRO A 171 -32.33 7.00 14.36
CA PRO A 171 -30.88 7.02 14.61
C PRO A 171 -30.43 5.77 15.34
N ASP A 172 -29.11 5.62 15.43
CA ASP A 172 -28.48 4.45 16.03
C ASP A 172 -27.69 4.86 17.27
N HIS A 173 -27.89 4.13 18.36
CA HIS A 173 -27.20 4.44 19.61
C HIS A 173 -25.87 3.70 19.73
N ASN A 174 -25.77 2.50 19.14
CA ASN A 174 -24.57 1.70 19.29
C ASN A 174 -23.36 2.34 18.61
N GLU A 175 -23.57 2.99 17.47
CA GLU A 175 -22.45 3.68 16.82
C GLU A 175 -21.93 4.82 17.68
N ALA A 176 -22.83 5.57 18.30
CA ALA A 176 -22.42 6.64 19.21
C ALA A 176 -21.66 6.09 20.39
N LEU A 177 -22.12 4.96 20.94
CA LEU A 177 -21.38 4.33 22.05
C LEU A 177 -20.00 3.88 21.61
N SER A 178 -19.89 3.33 20.39
CA SER A 178 -18.58 2.92 19.89
C SER A 178 -17.63 4.11 19.76
N VAL A 179 -18.14 5.21 19.22
CA VAL A 179 -17.31 6.41 19.09
C VAL A 179 -16.88 6.93 20.46
N ASP A 180 -17.80 6.90 21.44
CA ASP A 180 -17.46 7.35 22.78
C ASP A 180 -16.38 6.47 23.40
N ALA A 181 -16.48 5.15 23.21
CA ALA A 181 -15.46 4.25 23.73
C ALA A 181 -14.11 4.53 23.09
N ARG A 182 -14.10 4.77 21.78
CA ARG A 182 -12.86 5.10 21.09
C ARG A 182 -12.24 6.37 21.65
N GLN A 183 -13.06 7.40 21.86
CA GLN A 183 -12.55 8.66 22.40
C GLN A 183 -11.95 8.46 23.79
N GLU A 184 -12.66 7.72 24.65
CA GLU A 184 -12.18 7.51 26.00
C GLU A 184 -10.87 6.74 26.01
N LEU A 185 -10.78 5.68 25.20
CA LEU A 185 -9.54 4.91 25.12
C LEU A 185 -8.38 5.78 24.65
N ASP A 186 -8.61 6.56 23.58
CA ASP A 186 -7.53 7.39 23.05
C ASP A 186 -7.04 8.39 24.08
N LEU A 187 -7.97 9.07 24.76
CA LEU A 187 -7.56 10.04 25.76
C LEU A 187 -6.79 9.37 26.90
N ARG A 188 -7.35 8.31 27.47
CA ARG A 188 -6.76 7.72 28.66
C ARG A 188 -5.48 6.96 28.36
N ILE A 189 -5.17 6.70 27.09
CA ILE A 189 -3.87 6.14 26.74
C ILE A 189 -2.85 7.24 26.47
N GLY A 190 -3.21 8.20 25.61
CA GLY A 190 -2.26 9.23 25.25
C GLY A 190 -1.86 10.11 26.41
N CYS A 191 -2.86 10.58 27.18
CA CYS A 191 -2.56 11.46 28.29
C CYS A 191 -1.85 10.77 29.43
N ALA A 192 -1.86 9.44 29.46
CA ALA A 192 -1.13 8.70 30.48
C ALA A 192 0.30 8.41 30.05
N PHE A 193 0.53 8.04 28.80
CA PHE A 193 1.89 7.75 28.36
C PHE A 193 2.70 9.03 28.17
N THR A 194 2.10 10.06 27.56
CA THR A 194 2.84 11.28 27.26
C THR A 194 3.31 11.97 28.54
N ARG A 195 2.46 12.02 29.56
CA ARG A 195 2.85 12.65 30.81
C ARG A 195 4.07 11.99 31.41
N PHE A 196 4.06 10.66 31.48
CA PHE A 196 5.18 9.94 32.08
C PHE A 196 6.45 10.14 31.27
N GLN A 197 6.38 10.01 29.95
CA GLN A 197 7.59 10.17 29.14
C GLN A 197 8.16 11.57 29.25
N THR A 198 7.30 12.60 29.18
CA THR A 198 7.78 13.97 29.26
C THR A 198 8.37 14.27 30.63
N LYS A 199 7.70 13.84 31.70
CA LYS A 199 8.22 14.11 33.04
C LYS A 199 9.48 13.31 33.33
N TYR A 200 9.70 12.20 32.63
CA TYR A 200 10.93 11.44 32.85
C TYR A 200 12.11 12.05 32.10
N PHE A 201 11.99 12.17 30.77
CA PHE A 201 13.14 12.59 29.99
C PHE A 201 13.51 14.05 30.19
N GLN A 202 12.68 14.84 30.87
CA GLN A 202 13.02 16.22 31.20
C GLN A 202 13.75 16.35 32.52
N GLY A 203 13.98 15.24 33.22
CA GLY A 203 14.65 15.29 34.51
C GLY A 203 16.02 14.66 34.52
N LYS A 204 16.38 13.98 33.44
CA LYS A 204 17.68 13.32 33.32
C LYS A 204 18.59 13.99 32.29
N TYR A 205 18.11 14.18 31.07
CA TYR A 205 18.90 14.77 30.01
C TYR A 205 18.38 16.18 29.75
N GLY A 206 19.26 17.17 29.89
CA GLY A 206 18.86 18.56 29.74
C GLY A 206 18.80 19.09 28.33
N ASP A 207 19.31 18.34 27.35
CA ASP A 207 19.28 18.81 25.98
C ASP A 207 17.85 18.94 25.47
N LEU A 208 16.99 17.99 25.79
CA LEU A 208 15.61 17.99 25.34
C LEU A 208 14.66 18.57 26.40
N ASP A 209 15.18 19.45 27.26
CA ASP A 209 14.32 20.14 28.21
C ASP A 209 13.40 21.09 27.45
N SER A 210 12.24 21.36 28.05
CA SER A 210 11.18 22.17 27.43
C SER A 210 10.78 21.60 26.07
N SER A 211 10.71 20.27 25.99
CA SER A 211 10.27 19.57 24.79
C SER A 211 9.22 18.54 25.19
N LEU A 212 8.32 18.25 24.25
CA LEU A 212 7.19 17.37 24.48
C LEU A 212 7.43 16.05 23.76
N ILE A 213 7.25 14.94 24.48
CA ILE A 213 7.40 13.60 23.93
C ILE A 213 6.04 12.92 24.04
N SER A 214 5.39 12.72 22.89
CA SER A 214 4.00 12.30 22.85
C SER A 214 3.89 10.87 22.34
N PHE A 215 2.91 10.14 22.87
CA PHE A 215 2.60 8.79 22.44
C PHE A 215 1.12 8.71 22.10
N GLY A 216 0.81 7.89 21.11
CA GLY A 216 -0.56 7.72 20.67
C GLY A 216 -0.72 6.57 19.70
N PRO A 217 -1.97 6.17 19.46
CA PRO A 217 -2.22 5.04 18.54
C PRO A 217 -1.89 5.33 17.08
N CYS A 218 -1.61 6.58 16.72
CA CYS A 218 -1.29 6.92 15.34
C CYS A 218 0.10 7.50 15.16
N GLN A 219 0.52 8.41 16.04
CA GLN A 219 1.84 9.03 15.90
C GLN A 219 2.95 7.99 16.02
N THR A 220 2.84 7.09 16.98
CA THR A 220 3.87 6.07 17.15
C THR A 220 3.98 5.13 15.95
N PRO A 221 2.89 4.55 15.42
CA PRO A 221 3.05 3.76 14.19
C PRO A 221 3.55 4.56 13.00
N THR A 222 3.12 5.83 12.89
CA THR A 222 3.59 6.65 11.77
C THR A 222 5.10 6.86 11.85
N LEU A 223 5.62 7.08 13.06
CA LEU A 223 7.07 7.18 13.23
C LEU A 223 7.75 5.84 13.03
N GLY A 224 7.08 4.76 13.42
CA GLY A 224 7.65 3.43 13.24
C GLY A 224 7.89 3.08 11.79
N PHE A 225 6.96 3.48 10.91
CA PHE A 225 7.15 3.26 9.48
C PHE A 225 8.46 3.86 9.00
N CYS A 226 8.68 5.15 9.32
CA CYS A 226 9.88 5.84 8.86
C CYS A 226 11.14 5.23 9.45
N VAL A 227 11.13 4.92 10.76
CA VAL A 227 12.34 4.38 11.36
C VAL A 227 12.63 2.97 10.85
N GLU A 228 11.59 2.22 10.48
CA GLU A 228 11.83 0.88 9.94
C GLU A 228 12.38 0.95 8.53
N ARG A 229 11.92 1.93 7.74
CA ARG A 229 12.57 2.19 6.46
C ARG A 229 14.02 2.58 6.65
N HIS A 230 14.31 3.40 7.66
CA HIS A 230 15.69 3.74 7.98
C HIS A 230 16.49 2.49 8.34
N ASP A 231 15.87 1.56 9.06
CA ASP A 231 16.53 0.31 9.40
C ASP A 231 16.88 -0.50 8.16
N LYS A 232 15.96 -0.60 7.20
CA LYS A 232 16.31 -1.26 5.94
C LYS A 232 17.45 -0.54 5.23
N ILE A 233 17.42 0.79 5.22
CA ILE A 233 18.47 1.54 4.52
C ILE A 233 19.84 1.27 5.16
N GLN A 234 19.89 1.25 6.49
CA GLN A 234 21.16 1.01 7.16
C GLN A 234 21.64 -0.42 6.97
N SER A 235 20.73 -1.40 7.06
CA SER A 235 21.09 -2.81 6.91
C SER A 235 20.93 -3.20 5.44
N PHE A 236 21.99 -2.96 4.67
CA PHE A 236 21.96 -3.25 3.24
C PHE A 236 23.37 -3.60 2.78
N LYS A 237 23.48 -4.69 2.02
CA LYS A 237 24.75 -5.14 1.45
C LYS A 237 24.65 -5.14 -0.07
N PRO A 238 25.22 -4.15 -0.75
CA PRO A 238 25.16 -4.12 -2.22
C PRO A 238 25.86 -5.34 -2.83
N GLU A 239 25.32 -5.80 -3.95
CA GLU A 239 25.85 -6.92 -4.70
C GLU A 239 26.27 -6.43 -6.09
N THR A 240 26.67 -7.37 -6.95
CA THR A 240 27.20 -7.05 -8.27
C THR A 240 26.43 -7.84 -9.33
N TYR A 241 25.71 -7.13 -10.19
CA TYR A 241 25.06 -7.77 -11.33
C TYR A 241 26.08 -8.09 -12.41
N TRP A 242 25.61 -8.75 -13.47
CA TRP A 242 26.38 -8.88 -14.71
C TRP A 242 25.36 -9.07 -15.83
N VAL A 243 25.09 -7.99 -16.56
CA VAL A 243 24.08 -7.99 -17.61
C VAL A 243 24.78 -8.04 -18.96
N LEU A 244 24.19 -8.77 -19.90
CA LEU A 244 24.74 -8.93 -21.25
C LEU A 244 23.77 -8.28 -22.23
N GLN A 245 24.30 -7.45 -23.12
CA GLN A 245 23.50 -6.77 -24.12
C GLN A 245 24.21 -6.81 -25.46
N ALA A 246 23.43 -6.75 -26.54
CA ALA A 246 23.95 -6.84 -27.89
C ALA A 246 23.23 -5.83 -28.77
N LYS A 247 23.87 -5.50 -29.89
CA LYS A 247 23.34 -4.53 -30.83
C LYS A 247 23.25 -5.16 -32.22
N VAL A 248 22.16 -4.87 -32.91
CA VAL A 248 21.91 -5.40 -34.26
C VAL A 248 21.73 -4.23 -35.20
N ASN A 249 22.38 -4.29 -36.36
CA ASN A 249 22.36 -3.13 -37.25
C ASN A 249 21.66 -3.44 -38.57
N THR A 250 20.48 -4.05 -38.48
CA THR A 250 19.68 -4.35 -39.66
C THR A 250 19.28 -3.07 -40.40
N ASP A 251 18.86 -3.25 -41.65
CA ASP A 251 18.39 -2.20 -42.56
C ASP A 251 19.39 -1.04 -42.68
N LYS A 252 20.63 -1.25 -42.27
CA LYS A 252 21.77 -0.36 -42.52
C LYS A 252 21.53 1.09 -42.10
N ASP A 253 20.47 1.35 -41.32
CA ASP A 253 20.21 2.72 -40.87
C ASP A 253 19.93 2.76 -39.37
N ARG A 254 19.44 1.67 -38.80
CA ARG A 254 19.06 1.63 -37.40
C ARG A 254 19.92 0.65 -36.64
N SER A 255 20.15 0.96 -35.37
CA SER A 255 20.95 0.12 -34.46
C SER A 255 20.06 -0.24 -33.27
N LEU A 256 19.50 -1.44 -33.28
CA LEU A 256 18.63 -1.89 -32.21
C LEU A 256 19.44 -2.43 -31.05
N LEU A 257 19.12 -1.96 -29.84
CA LEU A 257 19.77 -2.39 -28.61
C LEU A 257 18.89 -3.46 -27.97
N LEU A 258 19.23 -4.72 -28.21
CA LEU A 258 18.43 -5.83 -27.72
C LEU A 258 18.58 -6.00 -26.21
N ASP A 259 17.59 -6.62 -25.60
CA ASP A 259 17.58 -6.90 -24.18
C ASP A 259 17.67 -8.41 -23.95
N TRP A 260 18.53 -8.80 -23.01
CA TRP A 260 18.72 -10.22 -22.73
C TRP A 260 17.46 -10.82 -22.12
N ASP A 261 17.14 -12.04 -22.53
CA ASP A 261 15.98 -12.74 -21.96
C ASP A 261 16.20 -12.96 -20.47
N ARG A 262 17.24 -13.69 -20.11
CA ARG A 262 17.71 -13.71 -18.73
C ARG A 262 18.18 -12.32 -18.35
N VAL A 263 17.56 -11.72 -17.33
CA VAL A 263 17.80 -10.31 -17.09
C VAL A 263 19.11 -10.04 -16.35
N ARG A 264 19.56 -10.96 -15.49
CA ARG A 264 20.78 -10.70 -14.72
C ARG A 264 21.39 -12.01 -14.26
N VAL A 265 22.72 -12.03 -14.15
CA VAL A 265 23.47 -13.17 -13.62
C VAL A 265 24.41 -12.66 -12.54
N PHE A 266 24.42 -13.35 -11.40
CA PHE A 266 25.18 -12.92 -10.23
C PHE A 266 26.52 -13.62 -10.09
N ASP A 267 26.93 -14.43 -11.06
CA ASP A 267 28.22 -15.11 -11.02
C ASP A 267 29.08 -14.67 -12.19
N ARG A 268 30.29 -14.21 -11.88
CA ARG A 268 31.19 -13.68 -12.90
C ARG A 268 31.58 -14.77 -13.89
N GLU A 269 31.86 -15.98 -13.41
CA GLU A 269 32.27 -17.05 -14.31
C GLU A 269 31.15 -17.47 -15.25
N ILE A 270 29.92 -17.55 -14.75
CA ILE A 270 28.79 -17.89 -15.60
C ILE A 270 28.56 -16.80 -16.64
N ALA A 271 28.63 -15.53 -16.23
CA ALA A 271 28.48 -14.44 -17.19
C ALA A 271 29.57 -14.50 -18.24
N GLN A 272 30.81 -14.81 -17.83
CA GLN A 272 31.91 -14.90 -18.78
C GLN A 272 31.70 -16.05 -19.76
N MET A 273 31.17 -17.18 -19.29
CA MET A 273 30.94 -18.30 -20.18
C MET A 273 29.85 -17.99 -21.20
N PHE A 274 28.76 -17.35 -20.75
CA PHE A 274 27.74 -16.90 -21.70
C PHE A 274 28.33 -15.91 -22.71
N LEU A 275 29.17 -14.98 -22.26
CA LEU A 275 29.78 -14.03 -23.19
C LEU A 275 30.68 -14.75 -24.19
N ASN A 276 31.43 -15.74 -23.72
CA ASN A 276 32.34 -16.48 -24.58
C ASN A 276 31.58 -17.24 -25.65
N MET A 277 30.45 -17.85 -25.30
CA MET A 277 29.69 -18.62 -26.28
C MET A 277 28.78 -17.75 -27.14
N THR A 278 28.97 -16.43 -27.14
CA THR A 278 28.07 -15.57 -27.91
C THR A 278 28.81 -14.59 -28.82
N LYS A 279 29.95 -14.06 -28.40
CA LYS A 279 30.54 -12.93 -29.11
C LYS A 279 31.19 -13.33 -30.43
N LEU A 280 31.66 -14.57 -30.57
CA LEU A 280 32.24 -15.00 -31.83
C LEU A 280 31.18 -15.45 -32.81
N GLU A 281 30.18 -14.60 -33.07
CA GLU A 281 29.14 -14.88 -34.04
C GLU A 281 28.81 -13.60 -34.80
N LYS A 282 28.44 -13.76 -36.07
CA LYS A 282 28.22 -12.62 -36.96
C LYS A 282 26.83 -12.61 -37.58
N GLU A 283 25.86 -13.27 -36.96
CA GLU A 283 24.50 -13.27 -37.44
C GLU A 283 23.53 -13.25 -36.26
N ALA A 284 22.33 -12.75 -36.52
CA ALA A 284 21.24 -12.83 -35.55
C ALA A 284 19.99 -13.26 -36.29
N GLN A 285 19.35 -14.32 -35.82
CA GLN A 285 18.23 -14.93 -36.53
C GLN A 285 16.94 -14.67 -35.77
N VAL A 286 15.94 -14.13 -36.47
CA VAL A 286 14.66 -13.85 -35.83
C VAL A 286 13.91 -15.15 -35.59
N GLU A 287 13.19 -15.22 -34.49
CA GLU A 287 12.43 -16.41 -34.12
C GLU A 287 10.93 -16.20 -34.09
N ALA A 288 10.46 -15.13 -33.45
CA ALA A 288 9.03 -14.88 -33.35
C ALA A 288 8.78 -13.39 -33.25
N THR A 289 7.56 -13.00 -33.59
CA THR A 289 7.11 -11.61 -33.51
C THR A 289 5.81 -11.56 -32.71
N SER A 290 5.35 -10.34 -32.43
CA SER A 290 4.09 -10.15 -31.73
C SER A 290 3.58 -8.75 -32.03
N ARG A 291 2.26 -8.63 -32.16
CA ARG A 291 1.61 -7.36 -32.47
C ARG A 291 0.35 -7.22 -31.62
N LYS A 292 0.47 -7.53 -30.34
CA LYS A 292 -0.69 -7.47 -29.44
C LYS A 292 -1.16 -6.04 -29.24
N GLU A 293 -2.46 -5.89 -29.00
CA GLU A 293 -3.08 -4.59 -28.79
C GLU A 293 -3.54 -4.48 -27.34
N LYS A 294 -3.19 -3.37 -26.69
CA LYS A 294 -3.48 -3.20 -25.27
C LYS A 294 -4.25 -1.91 -25.03
N ALA A 295 -4.43 -1.54 -23.77
CA ALA A 295 -5.15 -0.33 -23.41
C ALA A 295 -4.72 0.13 -22.03
N LYS A 296 -4.59 1.45 -21.86
CA LYS A 296 -4.31 2.06 -20.58
C LYS A 296 -5.62 2.57 -19.97
N GLN A 297 -5.86 2.19 -18.72
CA GLN A 297 -7.15 2.48 -18.10
C GLN A 297 -7.25 3.96 -17.71
N ARG A 298 -8.43 4.54 -17.91
CA ARG A 298 -8.67 5.90 -17.50
C ARG A 298 -8.76 5.98 -15.97
N PRO A 299 -8.39 7.12 -15.39
CA PRO A 299 -8.38 7.23 -13.93
C PRO A 299 -9.78 7.19 -13.34
N LEU A 300 -9.85 6.77 -12.08
CA LEU A 300 -11.10 6.71 -11.35
C LEU A 300 -11.45 8.11 -10.83
N ALA A 301 -12.60 8.20 -10.13
CA ALA A 301 -13.01 9.46 -9.56
C ALA A 301 -12.03 9.91 -8.48
N LEU A 302 -11.97 11.22 -8.27
CA LEU A 302 -11.00 11.80 -7.35
C LEU A 302 -11.35 11.49 -5.90
N ASN A 303 -10.32 11.29 -5.09
CA ASN A 303 -10.45 11.01 -3.68
C ASN A 303 -9.44 11.87 -2.93
N THR A 304 -9.70 12.07 -1.63
CA THR A 304 -8.82 12.94 -0.85
C THR A 304 -7.42 12.36 -0.73
N VAL A 305 -7.31 11.03 -0.59
CA VAL A 305 -6.00 10.40 -0.50
C VAL A 305 -5.22 10.57 -1.79
N GLU A 306 -5.86 10.35 -2.94
CA GLU A 306 -5.19 10.53 -4.21
C GLU A 306 -4.79 11.97 -4.44
N MET A 307 -5.66 12.90 -4.05
CA MET A 307 -5.34 14.32 -4.19
C MET A 307 -4.12 14.69 -3.34
N LEU A 308 -4.07 14.20 -2.10
CA LEU A 308 -2.92 14.48 -1.25
C LEU A 308 -1.64 13.87 -1.82
N ARG A 309 -1.74 12.64 -2.33
CA ARG A 309 -0.57 11.99 -2.91
C ARG A 309 -0.05 12.77 -4.11
N VAL A 310 -0.94 13.20 -4.99
CA VAL A 310 -0.51 13.92 -6.18
C VAL A 310 0.04 15.30 -5.81
N ALA A 311 -0.59 15.97 -4.85
CA ALA A 311 -0.08 17.26 -4.40
C ALA A 311 1.32 17.13 -3.82
N SER A 312 1.57 16.06 -3.06
CA SER A 312 2.90 15.87 -2.48
C SER A 312 3.92 15.46 -3.53
N SER A 313 3.51 14.69 -4.53
CA SER A 313 4.47 14.16 -5.50
C SER A 313 4.79 15.17 -6.60
N SER A 314 3.77 15.66 -7.30
CA SER A 314 3.99 16.52 -8.45
C SER A 314 3.99 18.00 -8.09
N LEU A 315 2.89 18.48 -7.49
CA LEU A 315 2.77 19.90 -7.17
C LEU A 315 3.71 20.35 -6.05
N GLY A 316 4.29 19.42 -5.30
CA GLY A 316 5.23 19.78 -4.25
C GLY A 316 4.64 20.56 -3.10
N MET A 317 3.48 20.15 -2.60
CA MET A 317 2.82 20.79 -1.48
C MET A 317 2.62 19.79 -0.35
N GLY A 318 2.79 20.25 0.88
CA GLY A 318 2.58 19.41 2.04
C GLY A 318 1.11 19.08 2.22
N PRO A 319 0.83 18.03 2.98
CA PRO A 319 -0.58 17.64 3.18
C PRO A 319 -1.41 18.72 3.87
N GLN A 320 -0.88 19.34 4.92
CA GLN A 320 -1.64 20.38 5.62
C GLN A 320 -1.90 21.59 4.72
N HIS A 321 -0.88 22.01 3.97
CA HIS A 321 -1.04 23.15 3.07
C HIS A 321 -2.04 22.83 1.96
N ALA A 322 -1.96 21.62 1.41
CA ALA A 322 -2.91 21.21 0.39
C ALA A 322 -4.34 21.19 0.93
N MET A 323 -4.52 20.70 2.16
CA MET A 323 -5.83 20.68 2.76
C MET A 323 -6.36 22.10 2.97
N GLN A 324 -5.50 23.01 3.42
CA GLN A 324 -5.93 24.40 3.60
C GLN A 324 -6.34 25.02 2.28
N THR A 325 -5.56 24.79 1.22
CA THR A 325 -5.91 25.33 -0.09
C THR A 325 -7.23 24.75 -0.58
N ALA A 326 -7.43 23.44 -0.41
CA ALA A 326 -8.68 22.82 -0.83
C ALA A 326 -9.86 23.37 -0.04
N GLU A 327 -9.68 23.59 1.26
CA GLU A 327 -10.76 24.14 2.08
C GLU A 327 -11.11 25.55 1.65
N ARG A 328 -10.11 26.38 1.35
CA ARG A 328 -10.40 27.73 0.88
C ARG A 328 -11.12 27.71 -0.45
N LEU A 329 -10.68 26.84 -1.37
CA LEU A 329 -11.35 26.73 -2.66
C LEU A 329 -12.79 26.27 -2.50
N TYR A 330 -13.03 25.33 -1.58
CA TYR A 330 -14.39 24.85 -1.36
C TYR A 330 -15.28 25.93 -0.77
N THR A 331 -14.78 26.64 0.26
CA THR A 331 -15.59 27.67 0.90
C THR A 331 -15.81 28.87 0.01
N GLN A 332 -14.94 29.10 -0.98
CA GLN A 332 -15.19 30.17 -1.94
C GLN A 332 -16.15 29.75 -3.05
N GLY A 333 -16.39 28.46 -3.22
CA GLY A 333 -17.34 27.98 -4.20
C GLY A 333 -16.74 27.59 -5.53
N TYR A 334 -15.67 26.80 -5.50
CA TYR A 334 -15.02 26.34 -6.72
C TYR A 334 -14.93 24.83 -6.84
N ILE A 335 -14.81 24.10 -5.73
CA ILE A 335 -14.80 22.64 -5.76
C ILE A 335 -15.77 22.12 -4.71
N SER A 336 -16.12 20.83 -4.81
CA SER A 336 -17.03 20.21 -3.85
C SER A 336 -16.36 20.00 -2.49
N PTR A 337 -16.85 19.05 -1.73
CA PTR A 337 -16.31 18.81 -0.40
C PTR A 337 -14.99 18.06 -0.52
O PTR A 337 -14.93 16.98 -1.12
CB PTR A 337 -17.28 18.04 0.49
CG PTR A 337 -16.95 18.14 1.96
CD1 PTR A 337 -16.48 17.06 2.67
CD2 PTR A 337 -17.09 19.36 2.62
CE1 PTR A 337 -16.16 17.17 4.01
CE2 PTR A 337 -16.77 19.48 3.95
CZ PTR A 337 -16.32 18.38 4.65
OH PTR A 337 -16.01 18.52 5.91
P PTR A 337 -16.48 17.50 7.06
O1P PTR A 337 -17.72 16.81 6.64
O2P PTR A 337 -15.37 16.46 7.32
O3P PTR A 337 -16.75 18.30 8.34
N PRO A 338 -13.91 18.62 0.05
CA PRO A 338 -12.55 18.11 -0.12
C PRO A 338 -12.12 17.05 0.90
N ARG A 339 -13.07 16.36 1.53
CA ARG A 339 -12.74 15.33 2.50
C ARG A 339 -13.52 14.04 2.31
N THR A 340 -13.84 13.66 1.07
CA THR A 340 -14.63 12.47 0.81
C THR A 340 -13.77 11.22 0.73
N GLU A 341 -14.42 10.05 0.64
CA GLU A 341 -13.75 8.79 0.35
C GLU A 341 -14.31 8.07 -0.86
N THR A 342 -15.49 8.47 -1.34
CA THR A 342 -16.15 7.77 -2.43
C THR A 342 -15.37 7.93 -3.72
N THR A 343 -15.32 6.86 -4.51
CA THR A 343 -14.71 6.84 -5.84
C THR A 343 -15.74 6.38 -6.86
N HIS A 344 -16.94 6.93 -6.78
CA HIS A 344 -18.06 6.49 -7.61
C HIS A 344 -19.02 7.65 -7.77
N TYR A 345 -19.20 8.10 -9.00
CA TYR A 345 -20.10 9.20 -9.27
C TYR A 345 -21.54 8.77 -9.02
N PRO A 346 -22.36 9.57 -8.35
CA PRO A 346 -23.76 9.21 -8.16
C PRO A 346 -24.49 9.12 -9.49
N GLU A 347 -25.52 8.25 -9.51
CA GLU A 347 -26.23 7.97 -10.76
C GLU A 347 -27.00 9.16 -11.29
N ASN A 348 -27.27 10.17 -10.47
CA ASN A 348 -28.03 11.34 -10.88
C ASN A 348 -27.17 12.59 -11.01
N PHE A 349 -25.86 12.43 -11.13
CA PHE A 349 -24.97 13.58 -11.25
C PHE A 349 -25.13 14.26 -12.61
N ASP A 350 -24.86 15.56 -12.64
CA ASP A 350 -24.95 16.35 -13.86
C ASP A 350 -23.57 16.45 -14.51
N LEU A 351 -23.08 15.30 -14.97
CA LEU A 351 -21.77 15.23 -15.59
C LEU A 351 -21.70 16.11 -16.83
N LYS A 352 -22.73 16.07 -17.67
CA LYS A 352 -22.73 16.85 -18.89
C LYS A 352 -22.67 18.34 -18.60
N GLY A 353 -23.46 18.80 -17.61
CA GLY A 353 -23.42 20.22 -17.27
C GLY A 353 -22.09 20.64 -16.66
N SER A 354 -21.54 19.82 -15.77
CA SER A 354 -20.26 20.15 -15.16
C SER A 354 -19.15 20.21 -16.21
N LEU A 355 -19.20 19.33 -17.21
CA LEU A 355 -18.23 19.40 -18.30
C LEU A 355 -18.52 20.57 -19.24
N ARG A 356 -19.79 20.96 -19.36
CA ARG A 356 -20.17 22.04 -20.26
C ARG A 356 -19.76 23.40 -19.73
N GLN A 357 -19.70 23.55 -18.41
CA GLN A 357 -19.29 24.84 -17.85
C GLN A 357 -17.87 25.21 -18.27
N GLN A 358 -16.97 24.24 -18.27
CA GLN A 358 -15.57 24.49 -18.61
C GLN A 358 -15.32 24.26 -20.11
N ALA A 359 -16.03 25.04 -20.92
CA ALA A 359 -15.92 24.97 -22.37
C ALA A 359 -15.38 26.25 -22.96
N ASN A 360 -14.77 27.11 -22.15
CA ASN A 360 -14.22 28.37 -22.63
C ASN A 360 -12.74 28.57 -22.30
N HIS A 361 -12.16 27.72 -21.47
CA HIS A 361 -10.74 27.86 -21.17
C HIS A 361 -9.91 27.49 -22.40
N PRO A 362 -8.87 28.26 -22.71
CA PRO A 362 -8.04 27.93 -23.87
C PRO A 362 -7.32 26.59 -23.74
N TYR A 363 -7.14 26.08 -22.53
CA TYR A 363 -6.42 24.83 -22.35
C TYR A 363 -7.25 23.62 -22.77
N TRP A 364 -8.53 23.58 -22.43
CA TRP A 364 -9.35 22.39 -22.62
C TRP A 364 -10.44 22.57 -23.67
N ALA A 365 -10.44 23.69 -24.40
CA ALA A 365 -11.58 24.01 -25.26
C ALA A 365 -11.82 22.92 -26.29
N ASP A 366 -10.78 22.53 -27.03
CA ASP A 366 -10.96 21.56 -28.11
C ASP A 366 -11.42 20.21 -27.57
N THR A 367 -10.79 19.74 -26.49
CA THR A 367 -11.14 18.43 -25.95
C THR A 367 -12.57 18.42 -25.42
N VAL A 368 -12.98 19.46 -24.70
CA VAL A 368 -14.33 19.50 -24.16
C VAL A 368 -15.36 19.59 -25.27
N LYS A 369 -15.09 20.41 -26.30
CA LYS A 369 -16.03 20.49 -27.41
C LYS A 369 -16.14 19.15 -28.14
N ARG A 370 -15.02 18.47 -28.34
CA ARG A 370 -15.06 17.16 -28.99
C ARG A 370 -15.86 16.16 -28.15
N LEU A 371 -15.65 16.15 -26.84
CA LEU A 371 -16.39 15.23 -25.98
C LEU A 371 -17.88 15.52 -26.01
N LEU A 372 -18.26 16.80 -25.92
CA LEU A 372 -19.68 17.14 -25.94
C LEU A 372 -20.31 16.85 -27.29
N ALA A 373 -19.54 16.95 -28.38
CA ALA A 373 -20.10 16.66 -29.69
C ALA A 373 -20.24 15.16 -29.93
N GLU A 374 -19.29 14.35 -29.46
CA GLU A 374 -19.26 12.92 -29.77
C GLU A 374 -19.61 12.06 -28.56
N GLY A 375 -20.27 12.62 -27.56
CA GLY A 375 -20.73 11.85 -26.43
C GLY A 375 -19.64 11.64 -25.39
N ILE A 376 -20.07 11.20 -24.21
CA ILE A 376 -19.18 11.03 -23.06
C ILE A 376 -19.17 9.55 -22.67
N ASN A 377 -17.99 9.05 -22.34
CA ASN A 377 -17.85 7.69 -21.86
C ASN A 377 -18.22 7.64 -20.38
N ARG A 378 -18.91 6.58 -19.98
CA ARG A 378 -19.34 6.45 -18.60
C ARG A 378 -18.12 6.24 -17.69
N PRO A 379 -18.13 6.82 -16.49
CA PRO A 379 -17.00 6.67 -15.59
C PRO A 379 -16.90 5.26 -15.04
N ARG A 380 -15.68 4.91 -14.62
CA ARG A 380 -15.43 3.61 -14.04
C ARG A 380 -16.15 3.46 -12.70
N LYS A 381 -16.65 2.27 -12.44
CA LYS A 381 -17.30 1.97 -11.17
C LYS A 381 -16.25 1.75 -10.08
N GLY A 382 -16.52 2.30 -8.90
CA GLY A 382 -15.59 2.19 -7.80
C GLY A 382 -16.26 2.07 -6.45
N HIS A 383 -15.51 2.31 -5.37
CA HIS A 383 -16.08 2.23 -4.04
C HIS A 383 -17.12 3.32 -3.83
N ASP A 384 -18.17 2.98 -3.09
CA ASP A 384 -19.32 3.85 -2.90
C ASP A 384 -19.61 4.01 -1.41
N ALA A 385 -18.58 4.30 -0.63
CA ALA A 385 -18.79 4.61 0.78
C ALA A 385 -19.66 5.85 0.91
N GLY A 386 -20.69 5.76 1.76
CA GLY A 386 -21.70 6.80 1.83
C GLY A 386 -21.29 8.03 2.60
N ASP A 387 -20.13 8.60 2.27
CA ASP A 387 -19.64 9.78 2.97
C ASP A 387 -20.03 11.06 2.25
N HIS A 388 -19.53 11.22 1.02
CA HIS A 388 -19.73 12.44 0.24
C HIS A 388 -19.45 12.12 -1.22
N PRO A 389 -19.94 12.93 -2.15
CA PRO A 389 -19.55 12.77 -3.55
C PRO A 389 -18.09 13.10 -3.75
N PRO A 390 -17.46 12.59 -4.80
CA PRO A 390 -16.04 12.86 -5.03
C PRO A 390 -15.75 14.31 -5.37
N ILE A 391 -14.47 14.66 -5.48
CA ILE A 391 -14.05 16.03 -5.72
C ILE A 391 -14.19 16.34 -7.21
N THR A 392 -15.08 17.25 -7.54
CA THR A 392 -15.34 17.67 -8.90
C THR A 392 -15.37 19.19 -8.99
N PRO A 393 -14.96 19.76 -10.12
CA PRO A 393 -15.06 21.21 -10.28
C PRO A 393 -16.50 21.68 -10.31
N MET A 394 -16.71 22.92 -9.85
CA MET A 394 -18.05 23.48 -9.77
C MET A 394 -18.23 24.82 -10.46
N LYS A 395 -17.14 25.55 -10.74
CA LYS A 395 -17.27 26.84 -11.41
C LYS A 395 -16.02 27.08 -12.26
N SER A 396 -16.17 27.94 -13.26
CA SER A 396 -15.07 28.29 -14.12
C SER A 396 -14.06 29.16 -13.38
N ALA A 397 -12.80 29.07 -13.80
CA ALA A 397 -11.74 29.84 -13.16
C ALA A 397 -10.66 30.15 -14.18
N THR A 398 -9.88 31.19 -13.87
CA THR A 398 -8.79 31.64 -14.71
C THR A 398 -7.58 31.88 -13.83
N GLU A 399 -6.39 31.81 -14.45
CA GLU A 399 -5.16 31.99 -13.69
C GLU A 399 -5.10 33.35 -13.00
N ALA A 400 -5.73 34.36 -13.57
CA ALA A 400 -5.75 35.68 -12.95
C ALA A 400 -6.68 35.71 -11.74
N GLU A 401 -7.83 35.05 -11.84
CA GLU A 401 -8.82 35.10 -10.77
C GLU A 401 -8.31 34.41 -9.51
N LEU A 402 -7.76 33.21 -9.65
CA LEU A 402 -7.22 32.48 -8.53
C LEU A 402 -5.74 32.78 -8.35
N GLY A 403 -5.20 32.39 -7.20
CA GLY A 403 -3.80 32.62 -6.93
C GLY A 403 -2.91 31.57 -7.54
N GLY A 404 -1.61 31.84 -7.52
CA GLY A 404 -0.62 30.93 -8.06
C GLY A 404 -0.42 29.66 -7.28
N ASP A 405 -1.04 29.56 -6.10
CA ASP A 405 -0.96 28.36 -5.27
C ASP A 405 -2.19 27.48 -5.42
N ALA A 406 -3.38 28.07 -5.53
CA ALA A 406 -4.60 27.29 -5.72
C ALA A 406 -4.90 27.01 -7.19
N TRP A 407 -4.29 27.77 -8.11
CA TRP A 407 -4.54 27.53 -9.52
C TRP A 407 -4.07 26.15 -9.95
N ARG A 408 -2.92 25.71 -9.44
CA ARG A 408 -2.41 24.39 -9.79
C ARG A 408 -3.33 23.28 -9.28
N LEU A 409 -3.83 23.42 -8.05
CA LEU A 409 -4.76 22.43 -7.52
C LEU A 409 -6.05 22.39 -8.35
N TYR A 410 -6.59 23.57 -8.68
CA TYR A 410 -7.80 23.60 -9.50
C TYR A 410 -7.56 22.99 -10.87
N GLU A 411 -6.41 23.27 -11.47
CA GLU A 411 -6.07 22.71 -12.77
C GLU A 411 -6.00 21.19 -12.70
N TYR A 412 -5.35 20.66 -11.67
CA TYR A 412 -5.26 19.21 -11.55
C TYR A 412 -6.64 18.59 -11.34
N ILE A 413 -7.49 19.24 -10.54
CA ILE A 413 -8.81 18.67 -10.28
C ILE A 413 -9.64 18.62 -11.56
N THR A 414 -9.65 19.71 -12.33
CA THR A 414 -10.46 19.73 -13.54
C THR A 414 -9.88 18.79 -14.60
N ARG A 415 -8.55 18.67 -14.67
CA ARG A 415 -7.94 17.74 -15.60
C ARG A 415 -8.31 16.30 -15.24
N HIS A 416 -8.30 15.98 -13.94
CA HIS A 416 -8.71 14.65 -13.50
C HIS A 416 -10.16 14.38 -13.85
N PHE A 417 -11.03 15.37 -13.66
CA PHE A 417 -12.45 15.18 -14.00
C PHE A 417 -12.62 14.89 -15.47
N ILE A 418 -11.98 15.70 -16.32
CA ILE A 418 -12.10 15.49 -17.77
C ILE A 418 -11.53 14.13 -18.16
N ALA A 419 -10.44 13.72 -17.52
CA ALA A 419 -9.85 12.42 -17.81
C ALA A 419 -10.81 11.29 -17.44
N THR A 420 -11.49 11.41 -16.30
CA THR A 420 -12.46 10.39 -15.91
C THR A 420 -13.60 10.31 -16.91
N VAL A 421 -14.07 11.47 -17.39
CA VAL A 421 -15.15 11.45 -18.38
C VAL A 421 -14.67 10.95 -19.75
N SER A 422 -13.37 11.07 -20.04
CA SER A 422 -12.88 10.87 -21.40
C SER A 422 -12.71 9.38 -21.72
N HIS A 423 -12.14 9.11 -22.90
CA HIS A 423 -11.94 7.75 -23.41
C HIS A 423 -10.69 7.13 -22.77
N ASP A 424 -10.26 6.00 -23.32
CA ASP A 424 -9.05 5.31 -22.89
C ASP A 424 -7.93 5.53 -23.91
N CYS A 425 -6.76 4.99 -23.59
CA CYS A 425 -5.57 5.09 -24.43
C CYS A 425 -5.26 3.73 -25.02
N LYS A 426 -5.04 3.68 -26.33
CA LYS A 426 -4.76 2.44 -27.04
C LYS A 426 -3.39 2.50 -27.67
N TYR A 427 -2.53 1.54 -27.35
CA TYR A 427 -1.19 1.47 -27.89
C TYR A 427 -0.89 0.05 -28.34
N LEU A 428 -0.20 -0.05 -29.47
CA LEU A 428 0.21 -1.32 -30.05
C LEU A 428 1.62 -1.65 -29.56
N GLN A 429 1.79 -2.84 -29.01
CA GLN A 429 3.06 -3.29 -28.46
C GLN A 429 3.65 -4.34 -29.39
N SER A 430 4.90 -4.14 -29.79
CA SER A 430 5.59 -5.04 -30.70
C SER A 430 6.84 -5.58 -30.02
N THR A 431 6.97 -6.91 -30.01
CA THR A 431 8.13 -7.58 -29.45
C THR A 431 8.73 -8.49 -30.52
N ILE A 432 10.04 -8.40 -30.72
CA ILE A 432 10.75 -9.20 -31.71
C ILE A 432 11.83 -9.99 -30.99
N SER A 433 11.88 -11.29 -31.25
CA SER A 433 12.79 -12.20 -30.56
C SER A 433 13.95 -12.59 -31.49
N PHE A 434 15.17 -12.40 -31.02
CA PHE A 434 16.38 -12.72 -31.74
C PHE A 434 17.08 -13.91 -31.10
N ARG A 435 17.82 -14.64 -31.92
CA ARG A 435 18.69 -15.72 -31.46
C ARG A 435 20.10 -15.44 -31.97
N ILE A 436 21.05 -15.39 -31.04
CA ILE A 436 22.47 -15.23 -31.35
C ILE A 436 23.17 -16.39 -30.66
N GLY A 437 23.36 -17.48 -31.39
CA GLY A 437 23.89 -18.68 -30.81
C GLY A 437 22.91 -19.31 -29.83
N PRO A 438 23.43 -19.86 -28.74
CA PRO A 438 22.55 -20.54 -27.77
C PRO A 438 21.53 -19.63 -27.10
N GLU A 439 21.86 -18.36 -26.86
CA GLU A 439 21.04 -17.50 -26.04
C GLU A 439 19.92 -16.84 -26.85
N LEU A 440 19.01 -16.16 -26.15
CA LEU A 440 17.88 -15.48 -26.76
C LEU A 440 17.85 -14.02 -26.32
N PHE A 441 17.27 -13.16 -27.16
CA PHE A 441 17.12 -11.75 -26.85
C PHE A 441 15.75 -11.28 -27.31
N THR A 442 15.28 -10.20 -26.70
CA THR A 442 14.00 -9.60 -27.05
C THR A 442 14.15 -8.09 -27.21
N CYS A 443 13.39 -7.52 -28.14
CA CYS A 443 13.33 -6.08 -28.34
C CYS A 443 11.88 -5.65 -28.36
N SER A 444 11.55 -4.65 -27.56
CA SER A 444 10.16 -4.25 -27.36
C SER A 444 9.96 -2.78 -27.72
N GLY A 445 8.77 -2.46 -28.20
CA GLY A 445 8.44 -1.10 -28.55
C GLY A 445 6.95 -0.86 -28.50
N LYS A 446 6.58 0.42 -28.38
CA LYS A 446 5.19 0.84 -28.28
C LYS A 446 4.90 1.91 -29.32
N THR A 447 3.69 1.89 -29.85
CA THR A 447 3.23 2.93 -30.77
C THR A 447 1.76 3.24 -30.47
N VAL A 448 1.48 4.49 -30.13
CA VAL A 448 0.11 4.88 -29.76
C VAL A 448 -0.74 5.00 -31.02
N LEU A 449 -1.99 4.53 -30.94
CA LEU A 449 -2.92 4.62 -32.05
C LEU A 449 -3.90 5.78 -31.89
N SER A 450 -4.65 5.79 -30.79
CA SER A 450 -5.65 6.83 -30.54
C SER A 450 -5.52 7.30 -29.09
N PRO A 451 -4.92 8.46 -28.85
CA PRO A 451 -4.83 8.96 -27.48
C PRO A 451 -6.19 9.31 -26.93
N GLY A 452 -6.35 9.08 -25.63
CA GLY A 452 -7.61 9.37 -24.97
C GLY A 452 -7.49 10.50 -23.98
N PHE A 453 -7.41 10.16 -22.69
CA PHE A 453 -7.20 11.16 -21.66
C PHE A 453 -5.79 11.73 -21.68
N THR A 454 -4.91 11.20 -22.54
CA THR A 454 -3.54 11.67 -22.61
C THR A 454 -3.47 13.16 -22.92
N GLU A 455 -4.33 13.64 -23.82
CA GLU A 455 -4.30 15.06 -24.16
C GLU A 455 -4.80 15.94 -23.03
N VAL A 456 -5.37 15.37 -21.98
CA VAL A 456 -5.82 16.15 -20.83
C VAL A 456 -4.84 15.95 -19.68
N MET A 457 -4.16 14.81 -19.66
CA MET A 457 -3.18 14.47 -18.64
C MET A 457 -1.86 14.11 -19.32
N PRO A 458 -1.15 15.10 -19.86
CA PRO A 458 0.01 14.79 -20.71
C PRO A 458 1.15 14.11 -19.98
N TRP A 459 1.21 14.20 -18.65
CA TRP A 459 2.26 13.49 -17.94
C TRP A 459 2.00 11.99 -17.85
N GLN A 460 0.75 11.56 -17.98
CA GLN A 460 0.42 10.14 -18.00
C GLN A 460 0.29 9.65 -19.45
N SER A 461 1.37 9.83 -20.20
CA SER A 461 1.38 9.55 -21.62
C SER A 461 2.43 8.51 -21.96
N VAL A 462 2.13 7.70 -22.97
CA VAL A 462 3.11 6.73 -23.45
C VAL A 462 4.22 7.49 -24.20
N PRO A 463 5.49 7.18 -23.94
CA PRO A 463 6.56 7.89 -24.65
C PRO A 463 6.59 7.53 -26.12
N LEU A 464 7.08 8.47 -26.92
CA LEU A 464 7.22 8.27 -28.36
C LEU A 464 8.52 7.52 -28.64
N GLU A 465 8.41 6.43 -29.40
CA GLU A 465 9.58 5.63 -29.77
C GLU A 465 9.50 5.29 -31.25
N GLU A 466 10.66 5.05 -31.84
CA GLU A 466 10.72 4.71 -33.26
C GLU A 466 10.08 3.34 -33.49
N SER A 467 9.31 3.23 -34.56
CA SER A 467 8.62 1.98 -34.87
C SER A 467 9.61 0.88 -35.19
N LEU A 468 9.34 -0.32 -34.69
CA LEU A 468 10.22 -1.45 -34.92
C LEU A 468 10.18 -1.86 -36.39
N PRO A 469 11.30 -2.29 -36.95
CA PRO A 469 11.33 -2.69 -38.36
C PRO A 469 10.50 -3.94 -38.61
N THR A 470 9.93 -4.01 -39.80
CA THR A 470 9.20 -5.21 -40.20
C THR A 470 10.16 -6.36 -40.43
N CYS A 471 9.77 -7.55 -39.97
CA CYS A 471 10.62 -8.73 -40.13
C CYS A 471 9.77 -9.98 -39.92
N GLN A 472 9.94 -10.96 -40.79
CA GLN A 472 9.27 -12.23 -40.69
C GLN A 472 10.26 -13.31 -40.24
N ARG A 473 9.72 -14.38 -39.66
CA ARG A 473 10.56 -15.44 -39.12
C ARG A 473 11.44 -16.04 -40.20
N GLY A 474 12.70 -16.30 -39.85
CA GLY A 474 13.67 -16.86 -40.76
C GLY A 474 14.65 -15.87 -41.32
N ASP A 475 14.37 -14.57 -41.21
CA ASP A 475 15.30 -13.56 -41.70
C ASP A 475 16.52 -13.48 -40.79
N ALA A 476 17.62 -13.02 -41.37
CA ALA A 476 18.88 -12.88 -40.65
C ALA A 476 19.38 -11.45 -40.75
N PHE A 477 19.90 -10.93 -39.63
CA PHE A 477 20.40 -9.58 -39.57
C PHE A 477 21.83 -9.55 -39.06
N PRO A 478 22.62 -8.58 -39.48
CA PRO A 478 23.98 -8.44 -38.94
C PRO A 478 23.95 -7.93 -37.50
N VAL A 479 24.80 -8.52 -36.68
CA VAL A 479 24.90 -8.20 -35.26
C VAL A 479 26.34 -7.79 -34.96
N GLY A 480 26.49 -6.73 -34.17
CA GLY A 480 27.82 -6.25 -33.82
C GLY A 480 27.82 -5.64 -32.44
N GLU A 481 29.00 -5.64 -31.82
CA GLU A 481 29.23 -5.00 -30.52
C GLU A 481 28.33 -5.59 -29.43
N VAL A 482 28.52 -6.88 -29.18
CA VAL A 482 27.94 -7.53 -28.01
C VAL A 482 28.96 -7.49 -26.88
N LYS A 483 28.50 -7.10 -25.68
CA LYS A 483 29.42 -6.85 -24.59
C LYS A 483 28.73 -7.12 -23.26
N MET A 484 29.52 -7.08 -22.19
CA MET A 484 29.05 -7.34 -20.84
C MET A 484 29.16 -6.08 -20.00
N LEU A 485 28.07 -5.74 -19.30
CA LEU A 485 28.02 -4.56 -18.46
C LEU A 485 27.87 -4.98 -17.00
N GLU A 486 28.55 -4.25 -16.12
CA GLU A 486 28.56 -4.54 -14.69
C GLU A 486 27.76 -3.49 -13.95
N LYS A 487 26.87 -3.93 -13.07
CA LYS A 487 26.00 -3.04 -12.33
C LYS A 487 25.95 -3.46 -10.87
N GLN A 488 25.57 -2.53 -10.01
CA GLN A 488 25.46 -2.78 -8.58
C GLN A 488 24.07 -2.35 -8.09
N THR A 489 23.55 -3.10 -7.13
CA THR A 489 22.23 -2.82 -6.58
C THR A 489 22.22 -1.47 -5.88
N ASN A 490 21.10 -0.77 -5.98
CA ASN A 490 21.01 0.52 -5.30
C ASN A 490 20.19 0.41 -4.02
N PRO A 491 20.64 1.01 -2.93
CA PRO A 491 19.89 0.92 -1.68
C PRO A 491 18.62 1.73 -1.77
N PRO A 492 17.57 1.34 -1.04
CA PRO A 492 16.33 2.11 -1.05
C PRO A 492 16.50 3.46 -0.37
N ASP A 493 15.65 4.40 -0.76
CA ASP A 493 15.69 5.76 -0.23
C ASP A 493 14.60 5.92 0.82
N TYR A 494 14.67 7.04 1.55
CA TYR A 494 13.75 7.29 2.65
C TYR A 494 12.31 7.40 2.14
N LEU A 495 11.37 7.19 3.05
CA LEU A 495 9.96 7.21 2.70
C LEU A 495 9.53 8.60 2.27
N THR A 496 8.67 8.64 1.25
CA THR A 496 8.05 9.88 0.81
C THR A 496 6.66 10.00 1.41
N GLU A 497 6.10 11.21 1.30
CA GLU A 497 4.78 11.46 1.87
C GLU A 497 3.71 10.62 1.18
N ALA A 498 3.84 10.43 -0.14
CA ALA A 498 2.87 9.61 -0.86
C ALA A 498 2.90 8.17 -0.37
N GLU A 499 4.09 7.61 -0.19
CA GLU A 499 4.21 6.24 0.31
C GLU A 499 3.69 6.13 1.74
N LEU A 500 3.97 7.13 2.57
CA LEU A 500 3.47 7.09 3.94
C LEU A 500 1.95 7.15 3.97
N ILE A 501 1.36 7.99 3.13
CA ILE A 501 -0.10 8.07 3.06
C ILE A 501 -0.69 6.74 2.58
N THR A 502 -0.05 6.13 1.58
CA THR A 502 -0.51 4.82 1.11
C THR A 502 -0.46 3.78 2.22
N LEU A 503 0.65 3.76 2.98
CA LEU A 503 0.77 2.78 4.06
C LEU A 503 -0.26 3.03 5.15
N MET A 504 -0.48 4.30 5.50
CA MET A 504 -1.47 4.62 6.53
C MET A 504 -2.87 4.23 6.10
N GLU A 505 -3.21 4.46 4.83
CA GLU A 505 -4.51 4.05 4.33
C GLU A 505 -4.64 2.53 4.32
N LYS A 506 -3.56 1.82 3.93
CA LYS A 506 -3.61 0.37 3.89
C LYS A 506 -3.82 -0.23 5.28
N HIS A 507 -3.11 0.30 6.28
CA HIS A 507 -3.16 -0.26 7.62
C HIS A 507 -4.26 0.35 8.48
N GLY A 508 -5.05 1.26 7.94
CA GLY A 508 -6.16 1.83 8.70
C GLY A 508 -5.75 2.67 9.88
N ILE A 509 -4.69 3.47 9.74
CA ILE A 509 -4.23 4.37 10.79
C ILE A 509 -4.60 5.78 10.36
N GLY A 510 -5.51 6.40 11.10
CA GLY A 510 -5.93 7.75 10.76
C GLY A 510 -7.06 7.77 9.75
N THR A 511 -7.84 8.84 9.81
CA THR A 511 -8.97 9.04 8.92
C THR A 511 -8.58 9.99 7.79
N ASP A 512 -9.57 10.41 7.01
CA ASP A 512 -9.31 11.29 5.87
C ASP A 512 -8.73 12.63 6.33
N ALA A 513 -9.29 13.18 7.39
CA ALA A 513 -8.87 14.49 7.91
C ALA A 513 -7.78 14.38 8.96
N SER A 514 -7.26 13.19 9.21
CA SER A 514 -6.28 12.98 10.27
C SER A 514 -4.86 12.73 9.76
N ILE A 515 -4.69 12.28 8.51
CA ILE A 515 -3.35 12.03 8.00
C ILE A 515 -2.50 13.29 7.96
N PRO A 516 -2.97 14.41 7.40
CA PRO A 516 -2.14 15.64 7.46
C PRO A 516 -1.85 16.08 8.87
N VAL A 517 -2.82 15.95 9.79
CA VAL A 517 -2.60 16.36 11.16
C VAL A 517 -1.50 15.53 11.80
N HIS A 518 -1.53 14.21 11.60
CA HIS A 518 -0.52 13.35 12.20
C HIS A 518 0.85 13.59 11.59
N ILE A 519 0.92 13.80 10.27
CA ILE A 519 2.22 14.09 9.65
C ILE A 519 2.78 15.40 10.18
N ASN A 520 1.93 16.43 10.28
CA ASN A 520 2.40 17.70 10.80
C ASN A 520 2.82 17.58 12.27
N ASN A 521 2.12 16.75 13.04
CA ASN A 521 2.48 16.57 14.44
C ASN A 521 3.85 15.91 14.57
N ILE A 522 4.08 14.82 13.82
CA ILE A 522 5.38 14.16 13.92
C ILE A 522 6.49 15.01 13.32
N CYS A 523 6.15 15.96 12.45
CA CYS A 523 7.16 16.91 11.99
C CYS A 523 7.46 17.98 13.04
N GLN A 524 6.43 18.41 13.77
CA GLN A 524 6.60 19.48 14.76
C GLN A 524 7.28 18.99 16.03
N ARG A 525 7.04 17.74 16.42
CA ARG A 525 7.68 17.22 17.63
C ARG A 525 9.15 16.90 17.43
N ASN A 526 9.72 17.29 16.28
CA ASN A 526 11.11 17.04 15.93
C ASN A 526 11.45 15.56 15.82
N TYR A 527 10.43 14.72 15.59
CA TYR A 527 10.69 13.29 15.39
C TYR A 527 11.29 13.02 14.02
N VAL A 528 10.77 13.67 12.97
CA VAL A 528 11.22 13.46 11.60
C VAL A 528 11.39 14.81 10.93
N THR A 529 12.42 14.92 10.09
CA THR A 529 12.67 16.12 9.31
C THR A 529 12.26 15.89 7.86
N VAL A 530 12.04 16.98 7.14
CA VAL A 530 11.62 16.94 5.75
C VAL A 530 12.79 17.40 4.89
N GLU A 531 13.16 16.60 3.90
CA GLU A 531 14.29 16.88 3.04
C GLU A 531 13.82 17.03 1.59
N SER A 532 14.79 17.12 0.68
CA SER A 532 14.47 17.32 -0.72
C SER A 532 13.69 16.14 -1.27
N GLY A 533 12.75 16.42 -2.18
CA GLY A 533 11.92 15.38 -2.74
C GLY A 533 10.76 14.95 -1.87
N ARG A 534 10.39 15.75 -0.87
CA ARG A 534 9.31 15.42 0.06
C ARG A 534 9.57 14.08 0.75
N ARG A 535 10.79 13.92 1.25
CA ARG A 535 11.20 12.72 1.96
C ARG A 535 11.28 13.00 3.45
N LEU A 536 10.86 12.02 4.25
CA LEU A 536 10.87 12.13 5.70
C LEU A 536 12.01 11.32 6.27
N LYS A 537 12.93 11.98 6.96
CA LYS A 537 14.10 11.35 7.54
C LYS A 537 13.97 11.34 9.05
N PRO A 538 14.03 10.18 9.69
CA PRO A 538 13.95 10.14 11.15
C PRO A 538 15.15 10.80 11.80
N THR A 539 14.92 11.38 12.98
CA THR A 539 15.98 11.98 13.76
C THR A 539 16.38 11.06 14.90
N ASN A 540 17.36 11.51 15.70
CA ASN A 540 17.86 10.69 16.78
C ASN A 540 16.77 10.40 17.81
N LEU A 541 15.95 11.40 18.12
CA LEU A 541 14.88 11.21 19.10
C LEU A 541 13.90 10.14 18.65
N GLY A 542 13.48 10.21 17.38
CA GLY A 542 12.55 9.21 16.88
C GLY A 542 13.16 7.82 16.84
N ILE A 543 14.41 7.73 16.38
CA ILE A 543 15.07 6.43 16.30
C ILE A 543 15.16 5.79 17.68
N VAL A 544 15.64 6.57 18.67
CA VAL A 544 15.81 6.01 20.00
C VAL A 544 14.45 5.65 20.62
N LEU A 545 13.43 6.48 20.37
CA LEU A 545 12.11 6.20 20.92
C LEU A 545 11.56 4.88 20.38
N VAL A 546 11.60 4.70 19.06
CA VAL A 546 11.01 3.49 18.49
C VAL A 546 11.84 2.26 18.84
N HIS A 547 13.17 2.39 18.87
CA HIS A 547 13.99 1.24 19.23
C HIS A 547 13.75 0.82 20.68
N GLY A 548 13.62 1.80 21.59
CA GLY A 548 13.28 1.47 22.96
C GLY A 548 11.90 0.83 23.07
N TYR A 549 10.95 1.32 22.29
CA TYR A 549 9.62 0.72 22.29
C TYR A 549 9.67 -0.74 21.84
N TYR A 550 10.41 -1.02 20.78
CA TYR A 550 10.56 -2.40 20.32
C TYR A 550 11.22 -3.27 21.37
N LYS A 551 12.26 -2.75 22.03
CA LYS A 551 12.97 -3.56 23.02
C LYS A 551 12.11 -3.83 24.25
N ILE A 552 11.26 -2.88 24.63
CA ILE A 552 10.45 -3.06 25.84
C ILE A 552 9.19 -3.85 25.54
N ASP A 553 8.32 -3.32 24.67
CA ASP A 553 7.06 -3.98 24.35
C ASP A 553 6.67 -3.50 22.95
N ALA A 554 6.79 -4.39 21.96
CA ALA A 554 6.57 -4.01 20.57
C ALA A 554 5.10 -3.76 20.25
N GLU A 555 4.19 -4.25 21.10
CA GLU A 555 2.76 -4.15 20.80
C GLU A 555 2.29 -2.70 20.77
N LEU A 556 3.08 -1.76 21.26
CA LEU A 556 2.73 -0.36 21.22
C LEU A 556 3.04 0.31 19.89
N VAL A 557 3.77 -0.36 18.98
CA VAL A 557 4.22 0.29 17.76
C VAL A 557 3.69 -0.41 16.52
N LEU A 558 3.43 -1.71 16.62
CA LEU A 558 3.08 -2.48 15.44
C LEU A 558 1.78 -1.95 14.82
N PRO A 559 1.71 -1.82 13.50
CA PRO A 559 0.53 -1.21 12.87
C PRO A 559 -0.60 -2.21 12.64
N THR A 560 -0.93 -3.00 13.65
CA THR A 560 -2.09 -3.88 13.60
C THR A 560 -2.92 -3.87 14.87
N ILE A 561 -2.40 -3.36 15.99
CA ILE A 561 -3.17 -3.27 17.22
C ILE A 561 -4.30 -2.26 17.07
N ARG A 562 -4.09 -1.21 16.28
CA ARG A 562 -5.19 -0.28 16.02
C ARG A 562 -6.35 -0.97 15.32
N SER A 563 -6.05 -1.79 14.30
CA SER A 563 -7.10 -2.53 13.62
C SER A 563 -7.74 -3.55 14.54
N ALA A 564 -6.96 -4.20 15.39
CA ALA A 564 -7.53 -5.15 16.35
C ALA A 564 -8.48 -4.47 17.32
N VAL A 565 -8.09 -3.29 17.82
CA VAL A 565 -8.95 -2.55 18.74
C VAL A 565 -10.21 -2.06 18.04
N GLU A 566 -10.09 -1.64 16.79
CA GLU A 566 -11.27 -1.24 16.03
C GLU A 566 -12.21 -2.42 15.83
N LYS A 567 -11.66 -3.61 15.55
CA LYS A 567 -12.49 -4.80 15.41
C LYS A 567 -13.19 -5.12 16.71
N GLN A 568 -12.48 -5.00 17.84
CA GLN A 568 -13.10 -5.26 19.13
C GLN A 568 -14.21 -4.26 19.42
N LEU A 569 -13.99 -2.98 19.10
CA LEU A 569 -15.00 -1.96 19.32
C LEU A 569 -16.19 -2.09 18.37
N ASN A 570 -16.01 -2.74 17.22
CA ASN A 570 -17.13 -2.97 16.33
C ASN A 570 -18.18 -3.88 16.95
N LEU A 571 -17.81 -4.66 17.98
CA LEU A 571 -18.76 -5.59 18.59
C LEU A 571 -19.93 -4.86 19.23
N ILE A 572 -19.65 -3.78 19.97
CA ILE A 572 -20.73 -3.01 20.56
C ILE A 572 -21.46 -2.20 19.51
N ALA A 573 -20.80 -1.87 18.39
CA ALA A 573 -21.48 -1.18 17.30
C ALA A 573 -22.52 -2.10 16.66
N GLN A 574 -22.23 -3.39 16.57
CA GLN A 574 -23.15 -4.36 16.00
C GLN A 574 -24.09 -4.98 17.03
N GLY A 575 -23.99 -4.56 18.30
CA GLY A 575 -24.92 -5.02 19.32
C GLY A 575 -24.61 -6.36 19.93
N LYS A 576 -23.41 -6.90 19.72
CA LYS A 576 -23.05 -8.23 20.21
C LYS A 576 -22.23 -8.20 21.50
N ALA A 577 -22.07 -7.04 22.12
CA ALA A 577 -21.21 -6.93 23.29
C ALA A 577 -21.77 -5.85 24.22
N ASP A 578 -21.00 -5.55 25.27
CA ASP A 578 -21.38 -4.57 26.27
C ASP A 578 -20.31 -3.48 26.38
N TYR A 579 -20.78 -2.23 26.43
CA TYR A 579 -19.88 -1.08 26.46
C TYR A 579 -18.97 -1.12 27.68
N ARG A 580 -19.57 -1.31 28.87
CA ARG A 580 -18.77 -1.37 30.10
C ARG A 580 -17.77 -2.51 30.06
N GLN A 581 -18.19 -3.69 29.59
CA GLN A 581 -17.30 -4.84 29.58
C GLN A 581 -16.11 -4.61 28.66
N VAL A 582 -16.38 -4.17 27.42
CA VAL A 582 -15.28 -3.99 26.46
C VAL A 582 -14.34 -2.89 26.92
N LEU A 583 -14.90 -1.76 27.41
CA LEU A 583 -14.04 -0.67 27.86
C LEU A 583 -13.20 -1.10 29.05
N GLY A 584 -13.79 -1.81 30.02
CA GLY A 584 -13.03 -2.25 31.17
C GLY A 584 -11.92 -3.22 30.80
N HIS A 585 -12.20 -4.16 29.91
CA HIS A 585 -11.18 -5.12 29.51
C HIS A 585 -10.03 -4.44 28.79
N THR A 586 -10.34 -3.54 27.86
CA THR A 586 -9.27 -2.87 27.12
C THR A 586 -8.46 -1.96 28.05
N LEU A 587 -9.13 -1.25 28.95
CA LEU A 587 -8.40 -0.40 29.88
C LEU A 587 -7.53 -1.21 30.81
N ASP A 588 -8.01 -2.39 31.25
CA ASP A 588 -7.20 -3.23 32.13
C ASP A 588 -5.96 -3.75 31.42
N VAL A 589 -6.10 -4.21 30.16
CA VAL A 589 -4.93 -4.74 29.47
C VAL A 589 -3.92 -3.62 29.19
N PHE A 590 -4.41 -2.44 28.82
CA PHE A 590 -3.47 -1.33 28.60
C PHE A 590 -2.84 -0.85 29.91
N LYS A 591 -3.57 -0.92 31.03
CA LYS A 591 -2.98 -0.56 32.31
C LYS A 591 -1.88 -1.54 32.70
N ARG A 592 -2.09 -2.84 32.44
CA ARG A 592 -1.04 -3.81 32.70
C ARG A 592 0.17 -3.54 31.82
N LYS A 593 -0.06 -3.18 30.55
CA LYS A 593 1.06 -2.83 29.68
C LYS A 593 1.81 -1.62 30.21
N PHE A 594 1.08 -0.61 30.70
CA PHE A 594 1.73 0.59 31.23
C PHE A 594 2.54 0.27 32.48
N HIS A 595 2.02 -0.59 33.36
CA HIS A 595 2.79 -0.98 34.54
C HIS A 595 4.02 -1.78 34.17
N TYR A 596 3.94 -2.62 33.14
CA TYR A 596 5.15 -3.28 32.67
C TYR A 596 6.14 -2.29 32.07
N PHE A 597 5.63 -1.25 31.43
CA PHE A 597 6.49 -0.24 30.80
C PHE A 597 7.21 0.61 31.82
N VAL A 598 6.53 0.98 32.92
CA VAL A 598 7.05 2.01 33.80
C VAL A 598 8.31 1.54 34.52
N ASP A 599 8.38 0.26 34.89
CA ASP A 599 9.54 -0.26 35.61
C ASP A 599 10.56 -0.91 34.69
N SER A 600 10.55 -0.57 33.40
CA SER A 600 11.53 -1.10 32.46
C SER A 600 12.02 -0.02 31.50
N ILE A 601 12.06 1.23 31.96
CA ILE A 601 12.50 2.34 31.10
C ILE A 601 14.00 2.38 30.94
N ALA A 602 14.75 1.64 31.75
CA ALA A 602 16.21 1.61 31.59
C ALA A 602 16.62 1.09 30.22
N GLY A 603 15.79 0.24 29.62
CA GLY A 603 16.08 -0.22 28.27
C GLY A 603 16.09 0.90 27.25
N MET A 604 15.23 1.90 27.45
CA MET A 604 15.27 3.07 26.57
C MET A 604 16.31 4.08 27.01
N ASP A 605 16.61 4.13 28.31
CA ASP A 605 17.63 5.06 28.80
C ASP A 605 19.02 4.68 28.29
N GLU A 606 19.31 3.38 28.21
CA GLU A 606 20.63 2.95 27.74
C GLU A 606 20.85 3.29 26.28
N LEU A 607 19.79 3.48 25.50
CA LEU A 607 19.92 3.95 24.13
C LEU A 607 19.84 5.47 24.04
N MET A 608 19.14 6.11 24.98
CA MET A 608 19.10 7.56 25.02
C MET A 608 20.45 8.15 25.39
N GLU A 609 21.22 7.46 26.23
CA GLU A 609 22.48 8.01 26.73
C GLU A 609 23.46 8.29 25.60
N VAL A 610 23.62 7.33 24.69
CA VAL A 610 24.59 7.50 23.60
C VAL A 610 24.13 8.59 22.64
N SER A 611 22.82 8.71 22.40
CA SER A 611 22.33 9.74 21.50
C SER A 611 22.51 11.14 22.09
N PHE A 612 22.12 11.33 23.34
CA PHE A 612 22.17 12.64 23.97
C PHE A 612 22.98 12.62 25.26
N MET B 1 26.88 -63.50 -8.50
CA MET B 1 28.32 -63.36 -8.31
C MET B 1 28.70 -61.91 -8.03
N ALA B 2 29.84 -61.71 -7.38
CA ALA B 2 30.32 -60.35 -7.13
C ALA B 2 30.62 -59.63 -8.43
N GLN B 3 31.23 -60.32 -9.39
CA GLN B 3 31.50 -59.72 -10.70
C GLN B 3 30.20 -59.36 -11.41
N VAL B 4 29.20 -60.24 -11.33
CA VAL B 4 27.92 -59.96 -11.98
C VAL B 4 27.25 -58.75 -11.34
N ALA B 5 27.28 -58.67 -10.00
CA ALA B 5 26.68 -57.52 -9.32
C ALA B 5 27.40 -56.23 -9.67
N GLY B 6 28.73 -56.26 -9.68
CA GLY B 6 29.48 -55.06 -10.05
C GLY B 6 29.18 -54.61 -11.47
N ALA B 7 29.11 -55.58 -12.41
CA ALA B 7 28.76 -55.23 -13.77
C ALA B 7 27.35 -54.64 -13.84
N ALA B 8 26.42 -55.21 -13.09
CA ALA B 8 25.05 -54.71 -13.10
C ALA B 8 25.00 -53.27 -12.62
N LEU B 9 25.69 -52.97 -11.52
CA LEU B 9 25.83 -51.58 -11.10
C LEU B 9 26.47 -50.73 -12.19
N SER B 10 27.40 -51.32 -12.95
CA SER B 10 28.07 -50.58 -14.01
C SER B 10 27.08 -50.11 -15.07
N GLN B 11 26.26 -51.03 -15.61
CA GLN B 11 25.33 -50.54 -16.63
C GLN B 11 24.19 -49.74 -15.99
N ALA B 12 23.91 -49.97 -14.71
CA ALA B 12 22.91 -49.15 -14.03
C ALA B 12 23.33 -47.69 -13.98
N GLY B 13 24.62 -47.45 -13.71
CA GLY B 13 25.14 -46.10 -13.70
C GLY B 13 25.88 -45.75 -12.43
N TRP B 14 25.88 -46.65 -11.46
CA TRP B 14 26.53 -46.42 -10.19
C TRP B 14 27.98 -46.88 -10.26
N TYR B 15 28.89 -45.98 -9.91
CA TYR B 15 30.32 -46.27 -9.84
C TYR B 15 30.73 -46.20 -8.38
N LEU B 16 30.70 -47.35 -7.70
CA LEU B 16 30.98 -47.43 -6.28
C LEU B 16 32.25 -48.25 -6.05
N SER B 17 32.93 -47.93 -4.94
CA SER B 17 34.15 -48.63 -4.59
C SER B 17 33.86 -50.07 -4.17
N ASP B 18 34.87 -50.92 -4.32
CA ASP B 18 34.73 -52.31 -3.88
C ASP B 18 34.48 -52.37 -2.38
N GLU B 19 35.25 -51.62 -1.59
CA GLU B 19 34.98 -51.54 -0.17
C GLU B 19 33.62 -50.92 0.11
N GLY B 20 33.17 -50.03 -0.77
CA GLY B 20 31.84 -49.46 -0.59
C GLY B 20 30.74 -50.50 -0.72
N ILE B 21 30.83 -51.34 -1.76
CA ILE B 21 29.82 -52.39 -1.92
C ILE B 21 29.98 -53.46 -0.85
N GLU B 22 31.20 -53.66 -0.36
CA GLU B 22 31.39 -54.57 0.77
C GLU B 22 30.71 -54.05 2.03
N ALA B 23 30.78 -52.74 2.26
CA ALA B 23 30.18 -52.16 3.46
C ALA B 23 28.67 -52.04 3.33
N CYS B 24 28.16 -51.82 2.12
CA CYS B 24 26.75 -51.54 1.92
C CYS B 24 25.90 -52.80 1.73
N THR B 25 26.52 -53.96 1.61
CA THR B 25 25.76 -55.19 1.42
C THR B 25 24.99 -55.54 2.69
N SER B 26 23.86 -56.22 2.51
CA SER B 26 23.06 -56.64 3.66
C SER B 26 23.58 -57.93 4.27
N SER B 27 23.62 -59.00 3.49
CA SER B 27 24.12 -60.28 3.95
C SER B 27 24.57 -61.11 2.75
N PRO B 28 25.79 -61.64 2.75
CA PRO B 28 26.27 -62.41 1.59
C PRO B 28 25.69 -63.81 1.53
N ASP B 29 24.38 -63.92 1.75
CA ASP B 29 23.63 -65.16 1.58
C ASP B 29 22.90 -65.19 0.24
N LYS B 30 22.16 -64.12 -0.06
CA LYS B 30 21.54 -63.93 -1.38
C LYS B 30 21.41 -62.43 -1.59
N VAL B 31 22.36 -61.85 -2.33
CA VAL B 31 22.42 -60.41 -2.54
C VAL B 31 21.72 -60.06 -3.84
N ASN B 32 21.00 -58.95 -3.85
CA ASN B 32 20.29 -58.47 -5.02
C ASN B 32 20.71 -57.04 -5.33
N VAL B 33 20.99 -56.79 -6.62
CA VAL B 33 21.46 -55.48 -7.04
C VAL B 33 20.41 -54.43 -6.74
N ASN B 34 19.13 -54.78 -6.89
CA ASN B 34 18.07 -53.81 -6.62
C ASN B 34 18.09 -53.35 -5.17
N ASP B 35 18.20 -54.29 -4.23
CA ASP B 35 18.21 -53.90 -2.82
C ASP B 35 19.50 -53.17 -2.48
N ILE B 36 20.62 -53.56 -3.10
CA ILE B 36 21.87 -52.83 -2.88
C ILE B 36 21.72 -51.38 -3.28
N ILE B 37 21.15 -51.13 -4.46
CA ILE B 37 20.94 -49.76 -4.92
C ILE B 37 19.99 -49.02 -3.98
N LEU B 38 18.90 -49.68 -3.58
CA LEU B 38 17.91 -49.02 -2.74
C LEU B 38 18.50 -48.62 -1.40
N ILE B 39 19.34 -49.48 -0.82
CA ILE B 39 19.92 -49.16 0.49
C ILE B 39 21.09 -48.20 0.36
N ALA B 40 21.80 -48.19 -0.78
CA ALA B 40 22.89 -47.25 -0.96
C ALA B 40 22.38 -45.84 -1.24
N LEU B 41 21.22 -45.73 -1.87
CA LEU B 41 20.67 -44.43 -2.22
C LEU B 41 20.43 -43.56 -0.99
N ASN B 42 20.18 -44.16 0.16
CA ASN B 42 19.84 -43.42 1.38
C ASN B 42 21.07 -43.03 2.20
N THR B 43 22.27 -43.28 1.69
CA THR B 43 23.50 -42.99 2.41
C THR B 43 24.29 -41.90 1.70
N ASP B 44 25.28 -41.36 2.41
CA ASP B 44 26.18 -40.38 1.82
C ASP B 44 27.07 -41.06 0.79
N LEU B 45 27.43 -40.30 -0.25
CA LEU B 45 28.24 -40.83 -1.33
C LEU B 45 29.73 -40.79 -1.04
N ARG B 46 30.18 -39.86 -0.19
CA ARG B 46 31.61 -39.68 0.04
C ARG B 46 32.26 -40.91 0.64
N THR B 47 31.49 -41.80 1.27
CA THR B 47 32.05 -42.96 1.94
C THR B 47 31.87 -44.26 1.16
N ILE B 48 31.13 -44.25 0.07
CA ILE B 48 30.81 -45.49 -0.65
C ILE B 48 31.26 -45.39 -2.10
N GLY B 49 31.30 -44.17 -2.64
CA GLY B 49 31.59 -43.99 -4.04
C GLY B 49 33.06 -44.18 -4.38
N LYS B 50 33.35 -44.05 -5.67
CA LYS B 50 34.71 -44.18 -6.18
C LYS B 50 35.09 -42.94 -6.99
N LYS B 51 36.24 -42.98 -7.67
CA LYS B 51 36.73 -41.86 -8.47
C LYS B 51 36.57 -42.20 -9.94
N PHE B 52 35.63 -41.53 -10.61
CA PHE B 52 35.40 -41.74 -12.03
C PHE B 52 35.41 -40.43 -12.79
N LEU B 53 35.00 -39.35 -12.14
CA LEU B 53 35.04 -38.04 -12.78
C LEU B 53 36.48 -37.63 -13.03
N PRO B 54 36.86 -37.30 -14.26
CA PRO B 54 38.26 -36.95 -14.52
C PRO B 54 38.65 -35.65 -13.83
N SER B 55 39.94 -35.53 -13.55
CA SER B 55 40.44 -34.30 -12.97
C SER B 55 40.39 -33.17 -13.99
N ASP B 56 40.62 -31.95 -13.52
CA ASP B 56 40.67 -30.72 -14.30
C ASP B 56 39.31 -30.29 -14.83
N ILE B 57 38.22 -31.00 -14.49
CA ILE B 57 36.91 -30.61 -14.95
C ILE B 57 36.46 -29.29 -14.33
N ASN B 58 37.03 -28.91 -13.19
CA ASN B 58 36.73 -27.59 -12.63
C ASN B 58 37.22 -26.50 -13.56
N SER B 59 38.40 -26.68 -14.15
CA SER B 59 38.93 -25.75 -15.14
C SER B 59 38.50 -26.20 -16.55
N GLY B 60 39.12 -25.63 -17.57
CA GLY B 60 38.74 -25.93 -18.93
C GLY B 60 39.32 -27.22 -19.48
N LYS B 61 39.94 -27.15 -20.66
CA LYS B 61 40.56 -28.28 -21.32
C LYS B 61 39.52 -29.32 -21.74
N VAL B 62 38.89 -29.98 -20.76
CA VAL B 62 37.87 -30.98 -21.08
C VAL B 62 36.67 -30.30 -21.72
N GLU B 63 36.02 -31.01 -22.63
CA GLU B 63 34.93 -30.44 -23.42
C GLU B 63 33.62 -31.20 -23.29
N LYS B 64 33.65 -32.52 -23.19
CA LYS B 64 32.44 -33.33 -23.16
C LYS B 64 32.51 -34.34 -22.03
N LEU B 65 31.35 -34.64 -21.44
CA LEU B 65 31.23 -35.65 -20.41
C LEU B 65 30.42 -36.82 -20.97
N GLU B 66 30.99 -38.02 -20.89
CA GLU B 66 30.38 -39.23 -21.41
C GLU B 66 30.04 -40.18 -20.27
N GLY B 67 28.96 -40.93 -20.46
CA GLY B 67 28.50 -41.87 -19.46
C GLY B 67 27.44 -41.28 -18.57
N PRO B 68 26.50 -42.11 -18.13
CA PRO B 68 25.40 -41.59 -17.30
C PRO B 68 25.84 -41.19 -15.90
N CYS B 69 26.59 -42.07 -15.24
CA CYS B 69 27.14 -41.90 -13.90
C CYS B 69 26.08 -41.50 -12.87
N VAL B 70 26.52 -41.20 -11.65
CA VAL B 70 25.64 -40.76 -10.57
C VAL B 70 26.40 -39.73 -9.73
N LEU B 71 25.76 -38.59 -9.45
CA LEU B 71 26.40 -37.52 -8.70
C LEU B 71 25.51 -37.10 -7.55
N GLN B 72 26.13 -36.53 -6.51
CA GLN B 72 25.43 -36.10 -5.30
C GLN B 72 25.46 -34.59 -5.19
N ILE B 73 24.32 -33.99 -4.90
CA ILE B 73 24.21 -32.55 -4.77
C ILE B 73 24.60 -32.13 -3.36
N GLN B 74 25.47 -31.13 -3.24
CA GLN B 74 25.88 -30.61 -1.95
C GLN B 74 25.22 -29.28 -1.61
N LYS B 75 25.02 -28.41 -2.60
CA LYS B 75 24.37 -27.13 -2.34
C LYS B 75 23.73 -26.63 -3.64
N ILE B 76 22.65 -25.86 -3.48
CA ILE B 76 21.91 -25.29 -4.60
C ILE B 76 21.64 -23.82 -4.30
N ARG B 77 21.95 -22.96 -5.25
CA ARG B 77 21.72 -21.52 -5.10
C ARG B 77 21.09 -20.97 -6.36
N ASN B 78 20.15 -20.03 -6.18
CA ASN B 78 19.48 -19.37 -7.30
C ASN B 78 20.36 -18.20 -7.73
N VAL B 79 21.04 -18.36 -8.87
CA VAL B 79 21.98 -17.35 -9.32
C VAL B 79 21.27 -16.07 -9.73
N ALA B 80 20.13 -16.20 -10.41
CA ALA B 80 19.43 -15.05 -10.96
C ALA B 80 18.73 -14.21 -9.92
N ALA B 81 18.92 -14.43 -8.62
CA ALA B 81 18.30 -13.62 -7.59
C ALA B 81 19.35 -13.27 -6.54
N PRO B 82 19.20 -12.12 -5.88
CA PRO B 82 20.14 -11.75 -4.83
C PRO B 82 19.98 -12.63 -3.61
N LYS B 83 20.99 -12.56 -2.72
CA LYS B 83 20.99 -13.40 -1.54
C LYS B 83 19.84 -13.06 -0.60
N ASP B 84 19.54 -11.76 -0.44
CA ASP B 84 18.52 -11.35 0.52
C ASP B 84 17.13 -11.78 0.06
N ASN B 85 16.82 -11.59 -1.23
CA ASN B 85 15.50 -11.91 -1.78
C ASN B 85 15.65 -13.10 -2.73
N GLU B 86 15.53 -14.30 -2.17
CA GLU B 86 15.62 -15.52 -2.97
C GLU B 86 14.29 -15.91 -3.60
N GLU B 87 13.20 -15.25 -3.23
CA GLU B 87 11.88 -15.55 -3.77
C GLU B 87 11.44 -14.52 -4.82
N SER B 88 12.33 -13.63 -5.24
CA SER B 88 11.97 -12.63 -6.23
C SER B 88 11.69 -13.28 -7.58
N GLN B 89 10.68 -12.76 -8.27
CA GLN B 89 10.25 -13.29 -9.56
C GLN B 89 10.53 -12.31 -10.69
N ALA B 90 11.55 -11.46 -10.53
CA ALA B 90 11.92 -10.50 -11.55
C ALA B 90 12.86 -11.07 -12.59
N ALA B 91 13.28 -12.33 -12.44
CA ALA B 91 14.23 -12.95 -13.34
C ALA B 91 13.81 -14.39 -13.62
N PRO B 92 14.12 -14.91 -14.80
CA PRO B 92 14.01 -16.35 -15.00
C PRO B 92 14.92 -17.11 -14.04
N ARG B 93 14.43 -18.24 -13.56
CA ARG B 93 15.11 -18.96 -12.49
C ARG B 93 16.29 -19.76 -13.06
N MET B 94 17.50 -19.42 -12.62
CA MET B 94 18.70 -20.17 -12.94
C MET B 94 19.25 -20.81 -11.68
N LEU B 95 19.63 -22.08 -11.77
CA LEU B 95 20.16 -22.81 -10.63
C LEU B 95 21.58 -23.28 -10.91
N ARG B 96 22.46 -23.05 -9.94
CA ARG B 96 23.81 -23.57 -9.95
C ARG B 96 23.89 -24.69 -8.91
N LEU B 97 24.29 -25.87 -9.36
CA LEU B 97 24.33 -27.06 -8.52
C LEU B 97 25.77 -27.46 -8.30
N GLN B 98 26.16 -27.59 -7.04
CA GLN B 98 27.47 -28.13 -6.69
C GLN B 98 27.34 -29.64 -6.53
N MET B 99 28.13 -30.38 -7.29
CA MET B 99 27.97 -31.82 -7.41
C MET B 99 29.26 -32.50 -7.03
N THR B 100 29.16 -33.73 -6.54
CA THR B 100 30.35 -34.46 -6.13
C THR B 100 30.17 -35.94 -6.40
N ASP B 101 31.30 -36.63 -6.51
CA ASP B 101 31.34 -38.09 -6.58
C ASP B 101 32.15 -38.68 -5.43
N GLY B 102 32.48 -37.87 -4.42
CA GLY B 102 33.25 -38.29 -3.27
C GLY B 102 34.68 -37.82 -3.27
N HIS B 103 35.26 -37.53 -4.43
CA HIS B 103 36.65 -37.09 -4.53
C HIS B 103 36.80 -35.73 -5.17
N ILE B 104 36.15 -35.50 -6.31
CA ILE B 104 36.28 -34.26 -7.06
C ILE B 104 34.91 -33.59 -7.15
N SER B 105 34.89 -32.29 -6.90
CA SER B 105 33.65 -31.51 -6.91
C SER B 105 33.56 -30.70 -8.21
N CYS B 106 32.39 -30.73 -8.84
CA CYS B 106 32.12 -29.99 -10.07
C CYS B 106 30.93 -29.07 -9.87
N THR B 107 30.72 -28.21 -10.87
CA THR B 107 29.65 -27.22 -10.82
C THR B 107 28.83 -27.30 -12.11
N ALA B 108 27.52 -27.22 -11.97
CA ALA B 108 26.61 -27.32 -13.10
C ALA B 108 25.64 -26.15 -13.09
N VAL B 109 25.20 -25.75 -14.29
CA VAL B 109 24.28 -24.65 -14.47
C VAL B 109 23.07 -25.12 -15.26
N GLU B 110 21.89 -24.69 -14.82
CA GLU B 110 20.63 -25.02 -15.50
C GLU B 110 20.54 -24.20 -16.78
N PHE B 111 20.88 -24.81 -17.92
CA PHE B 111 20.80 -24.11 -19.19
C PHE B 111 19.36 -23.83 -19.59
N SER B 112 18.52 -24.86 -19.52
CA SER B 112 17.10 -24.75 -19.78
C SER B 112 16.33 -24.90 -18.47
N TYR B 113 15.01 -24.90 -18.57
CA TYR B 113 14.16 -25.04 -17.39
C TYR B 113 13.95 -26.51 -17.07
N MET B 114 14.19 -26.88 -15.81
CA MET B 114 13.92 -28.22 -15.31
C MET B 114 12.96 -28.12 -14.13
N SER B 115 11.88 -28.89 -14.18
CA SER B 115 10.90 -28.91 -13.10
C SER B 115 11.24 -29.93 -12.02
N LYS B 116 12.02 -30.95 -12.34
CA LYS B 116 12.35 -32.00 -11.39
C LYS B 116 13.32 -31.55 -10.31
N ILE B 117 13.93 -30.37 -10.46
CA ILE B 117 14.85 -29.82 -9.47
C ILE B 117 14.33 -28.45 -9.05
N SER B 118 14.20 -28.25 -7.74
CA SER B 118 13.68 -27.01 -7.19
C SER B 118 14.68 -26.43 -6.21
N LEU B 119 14.41 -25.20 -5.76
CA LEU B 119 15.30 -24.54 -4.81
C LEU B 119 15.34 -25.31 -3.49
N ASN B 120 14.19 -25.79 -3.02
CA ASN B 120 14.12 -26.56 -1.80
C ASN B 120 14.32 -28.06 -2.05
N THR B 121 15.37 -28.38 -2.79
CA THR B 121 15.71 -29.77 -3.02
C THR B 121 16.55 -30.28 -1.86
N PRO B 122 16.17 -31.39 -1.24
CA PRO B 122 16.93 -31.92 -0.11
C PRO B 122 18.35 -32.23 -0.51
N PRO B 123 19.33 -31.63 0.16
CA PRO B 123 20.74 -31.93 -0.16
C PRO B 123 21.06 -33.39 0.04
N GLY B 124 21.92 -33.92 -0.81
CA GLY B 124 22.29 -35.31 -0.78
C GLY B 124 21.59 -36.18 -1.82
N THR B 125 20.63 -35.62 -2.54
CA THR B 125 19.95 -36.40 -3.57
C THR B 125 20.91 -36.79 -4.68
N LYS B 126 20.50 -37.78 -5.47
CA LYS B 126 21.35 -38.36 -6.50
C LYS B 126 20.79 -38.04 -7.89
N VAL B 127 21.68 -37.74 -8.82
CA VAL B 127 21.30 -37.39 -10.18
C VAL B 127 22.08 -38.25 -11.17
N LYS B 128 21.39 -38.73 -12.19
CA LYS B 128 21.97 -39.44 -13.31
C LYS B 128 22.03 -38.51 -14.52
N LEU B 129 23.12 -38.64 -15.29
CA LEU B 129 23.47 -37.71 -16.36
C LEU B 129 23.64 -38.48 -17.67
N SER B 130 22.65 -39.32 -17.99
CA SER B 130 22.70 -40.15 -19.18
C SER B 130 22.87 -39.30 -20.44
N GLY B 131 23.69 -39.80 -21.36
CA GLY B 131 23.93 -39.12 -22.61
C GLY B 131 25.29 -38.45 -22.67
N ILE B 132 25.40 -37.41 -23.49
CA ILE B 132 26.62 -36.61 -23.60
C ILE B 132 26.31 -35.23 -23.05
N VAL B 133 27.10 -34.80 -22.07
CA VAL B 133 26.85 -33.55 -21.36
C VAL B 133 27.90 -32.54 -21.78
N ASP B 134 27.47 -31.30 -22.03
CA ASP B 134 28.37 -30.25 -22.47
C ASP B 134 29.12 -29.65 -21.30
N ILE B 135 30.41 -29.41 -21.52
CA ILE B 135 31.28 -28.74 -20.55
C ILE B 135 31.74 -27.45 -21.20
N LYS B 136 31.39 -26.32 -20.58
CA LYS B 136 31.76 -25.00 -21.09
C LYS B 136 32.42 -24.21 -19.98
N ASN B 137 33.69 -23.86 -20.19
CA ASN B 137 34.47 -23.11 -19.21
C ASN B 137 34.45 -23.78 -17.85
N GLY B 138 34.53 -25.11 -17.85
CA GLY B 138 34.50 -25.85 -16.61
C GLY B 138 33.15 -25.90 -15.94
N PHE B 139 32.07 -25.70 -16.67
CA PHE B 139 30.72 -25.76 -16.13
C PHE B 139 29.93 -26.83 -16.87
N LEU B 140 29.19 -27.64 -16.11
CA LEU B 140 28.35 -28.68 -16.69
C LEU B 140 27.00 -28.09 -17.07
N LEU B 141 26.68 -28.13 -18.36
CA LEU B 141 25.41 -27.59 -18.84
C LEU B 141 24.34 -28.65 -18.68
N LEU B 142 23.31 -28.35 -17.87
CA LEU B 142 22.26 -29.32 -17.56
C LEU B 142 20.99 -28.98 -18.33
N ASN B 143 20.40 -29.99 -18.95
CA ASN B 143 19.12 -29.86 -19.65
C ASN B 143 18.11 -30.82 -19.02
N ASP B 144 16.86 -30.71 -19.45
CA ASP B 144 15.80 -31.55 -18.91
C ASP B 144 15.85 -32.97 -19.45
N SER B 145 16.46 -33.19 -20.62
CA SER B 145 16.47 -34.49 -21.26
C SER B 145 17.67 -35.35 -20.89
N ASN B 146 18.66 -34.80 -20.17
CA ASN B 146 19.85 -35.56 -19.82
C ASN B 146 20.11 -35.59 -18.32
N THR B 147 19.15 -35.18 -17.49
CA THR B 147 19.28 -35.25 -16.04
C THR B 147 18.05 -35.96 -15.47
N THR B 148 18.29 -36.97 -14.64
CA THR B 148 17.21 -37.71 -14.00
C THR B 148 17.47 -37.77 -12.50
N VAL B 149 16.45 -37.44 -11.71
CA VAL B 149 16.57 -37.46 -10.26
C VAL B 149 16.24 -38.86 -9.76
N LEU B 150 17.17 -39.45 -9.00
CA LEU B 150 16.95 -40.75 -8.40
C LEU B 150 16.44 -40.65 -6.97
N GLY B 151 16.15 -39.45 -6.48
CA GLY B 151 15.70 -39.27 -5.12
C GLY B 151 16.86 -39.30 -4.13
N GLY B 152 16.51 -39.15 -2.85
CA GLY B 152 17.51 -39.16 -1.82
C GLY B 152 16.95 -38.94 -0.42
N GLU B 153 17.43 -39.74 0.54
CA GLU B 153 17.05 -39.60 1.95
C GLU B 153 18.30 -39.79 2.79
N VAL B 154 18.99 -38.68 3.07
CA VAL B 154 20.18 -38.67 3.91
C VAL B 154 19.99 -37.57 4.94
N GLU B 155 20.45 -37.82 6.17
CA GLU B 155 20.27 -36.89 7.29
C GLU B 155 20.56 -35.45 6.87
N HIS B 156 19.67 -34.55 7.26
CA HIS B 156 19.66 -33.19 6.73
C HIS B 156 20.17 -32.22 7.79
N LEU B 157 21.25 -31.51 7.48
CA LEU B 157 21.66 -30.35 8.25
C LEU B 157 21.12 -29.05 7.66
N ILE B 158 20.38 -29.13 6.55
CA ILE B 158 19.82 -27.95 5.91
C ILE B 158 18.79 -27.29 6.83
N GLU B 159 18.05 -28.09 7.60
CA GLU B 159 17.02 -27.54 8.48
C GLU B 159 17.62 -26.60 9.51
N LYS B 160 18.89 -26.81 9.88
CA LYS B 160 19.53 -25.91 10.84
C LYS B 160 19.62 -24.50 10.28
N TRP B 161 19.95 -24.36 9.01
CA TRP B 161 20.03 -23.06 8.36
C TRP B 161 18.63 -22.59 7.96
MN MN E . -18.58 14.70 8.31
MN MN F . -14.27 9.88 6.46
#